data_3OD1
#
_entry.id   3OD1
#
_cell.length_a   72.696
_cell.length_b   63.255
_cell.length_c   107.637
_cell.angle_alpha   90.00
_cell.angle_beta   105.72
_cell.angle_gamma   90.00
#
_symmetry.space_group_name_H-M   'P 1 21 1'
#
loop_
_entity.id
_entity.type
_entity.pdbx_description
1 polymer 'ATP phosphoribosyltransferase regulatory subunit'
2 non-polymer DI(HYDROXYETHYL)ETHER
3 non-polymer BETA-MERCAPTOETHANOL
4 water water
#
_entity_poly.entity_id   1
_entity_poly.type   'polypeptide(L)'
_entity_poly.pdbx_seq_one_letter_code
;SNA(MSE)SKPF(MSE)FEKPFG(MSE)RDTLPEWYKTKKNICDQ(MSE)TEEINLWGYD(MSE)IETPTLEYYETVGVV
SAILDQQLFKLLDQQGNTLVLRPD(MSE)TAPIARLVASSLKDRAYPLRLAYQSNVYRAQQNEGGKPAEFEQLGVELIGD
GTASADGEVIAL(MSE)IAALKRAGLSEFKVAIGHVGYVNALL(MSE)DVVGNEQRADRLRRFLYEKNYVGYREHVKSLN
LSTIDKSRL(MSE)NLLSLRGGRAAIEEARGLIQTEKGKTALAE(MSE)TKLYEVLESYGASEYVKFDLTLVLH(MSE)S
YYTGVVFEGYGNRLGVPLCSGGRYDELLSKFHRPAQATGFGVRIDLLVEALNGEIISNGHEQTCILFSNERRFEAIELAR
KKRANGEAVVLQDLAGVTDVDA(MSE)SSNYQDVIYCIGTAGRGGEDA
;
_entity_poly.pdbx_strand_id   A,B
#
# COMPACT_ATOMS: atom_id res chain seq x y z
N LYS A 6 -21.43 -5.27 -21.69
CA LYS A 6 -20.32 -4.40 -21.32
C LYS A 6 -20.66 -3.46 -20.17
N PRO A 7 -19.84 -3.44 -19.11
CA PRO A 7 -20.09 -2.61 -17.94
C PRO A 7 -20.11 -1.13 -18.31
N PHE A 8 -20.93 -0.35 -17.60
CA PHE A 8 -20.85 1.10 -17.72
C PHE A 8 -19.51 1.59 -17.19
N PHE A 10 -18.64 3.66 -15.10
CA PHE A 10 -18.56 3.89 -13.67
C PHE A 10 -18.53 2.61 -12.82
N GLU A 11 -18.74 1.45 -13.46
CA GLU A 11 -18.85 0.20 -12.70
C GLU A 11 -17.49 -0.34 -12.27
N LYS A 12 -17.47 -0.95 -11.09
CA LYS A 12 -16.29 -1.62 -10.55
C LYS A 12 -16.62 -3.10 -10.38
N PRO A 13 -15.62 -3.98 -10.51
CA PRO A 13 -15.90 -5.39 -10.24
C PRO A 13 -16.49 -5.61 -8.84
N PHE A 14 -17.27 -6.68 -8.67
CA PHE A 14 -17.92 -7.00 -7.39
C PHE A 14 -16.92 -7.08 -6.24
N GLY A 15 -17.27 -6.47 -5.12
CA GLY A 15 -16.45 -6.51 -3.90
C GLY A 15 -15.32 -5.50 -3.87
N ARG A 17 -13.88 -1.55 -3.84
CA ARG A 17 -14.32 -0.27 -3.29
C ARG A 17 -13.29 0.81 -3.48
N ASP A 18 -13.74 2.05 -3.74
CA ASP A 18 -12.85 3.22 -3.77
C ASP A 18 -12.64 3.76 -2.35
N THR A 19 -11.52 4.45 -2.13
CA THR A 19 -11.28 5.14 -0.87
C THR A 19 -11.18 6.66 -1.09
N LEU A 20 -12.25 7.38 -0.72
CA LEU A 20 -12.33 8.80 -1.00
C LEU A 20 -11.47 9.59 -0.01
N PRO A 21 -11.18 10.86 -0.34
CA PRO A 21 -10.20 11.69 0.39
C PRO A 21 -10.37 11.69 1.90
N GLU A 22 -11.57 11.94 2.41
CA GLU A 22 -11.78 12.06 3.86
C GLU A 22 -11.56 10.73 4.57
N TRP A 23 -12.07 9.67 3.97
CA TRP A 23 -11.93 8.33 4.52
C TRP A 23 -10.45 7.93 4.48
N TYR A 24 -9.75 8.34 3.42
CA TYR A 24 -8.33 8.04 3.31
C TYR A 24 -7.54 8.68 4.44
N LYS A 25 -7.79 9.96 4.73
CA LYS A 25 -7.08 10.63 5.81
C LYS A 25 -7.37 9.95 7.17
N THR A 26 -8.63 9.62 7.41
CA THR A 26 -9.00 8.92 8.64
C THR A 26 -8.24 7.59 8.78
N LYS A 27 -8.27 6.78 7.72
CA LYS A 27 -7.59 5.49 7.72
C LYS A 27 -6.08 5.67 7.86
N LYS A 28 -5.49 6.60 7.13
CA LYS A 28 -4.05 6.83 7.22
C LYS A 28 -3.60 7.18 8.65
N ASN A 29 -4.32 8.08 9.32
CA ASN A 29 -3.94 8.44 10.70
C ASN A 29 -4.02 7.26 11.66
N ILE A 30 -5.11 6.51 11.57
CA ILE A 30 -5.28 5.30 12.36
C ILE A 30 -4.11 4.34 12.15
N CYS A 31 -3.81 4.01 10.90
CA CYS A 31 -2.72 3.06 10.61
C CYS A 31 -1.35 3.58 11.03
N ASP A 32 -1.13 4.89 10.85
CA ASP A 32 0.15 5.49 11.21
C ASP A 32 0.40 5.41 12.73
N GLN A 33 -0.63 5.64 13.52
CA GLN A 33 -0.56 5.47 14.96
C GLN A 33 -0.16 4.04 15.34
N THR A 35 1.37 1.64 13.32
CA THR A 35 2.70 1.27 12.85
C THR A 35 3.79 1.98 13.67
N GLU A 36 3.49 3.16 14.19
CA GLU A 36 4.43 3.84 15.06
C GLU A 36 4.63 3.04 16.37
N GLU A 37 3.53 2.55 16.93
CA GLU A 37 3.62 1.73 18.14
C GLU A 37 4.44 0.48 17.84
N ILE A 38 4.08 -0.20 16.75
CA ILE A 38 4.74 -1.42 16.31
C ILE A 38 6.26 -1.25 16.09
N ASN A 39 6.68 -0.14 15.49
CA ASN A 39 8.11 0.13 15.37
C ASN A 39 8.78 0.34 16.72
N LEU A 40 8.07 0.90 17.70
CA LEU A 40 8.66 1.07 19.02
C LEU A 40 8.92 -0.26 19.72
N TRP A 41 8.21 -1.32 19.31
CA TRP A 41 8.44 -2.65 19.89
C TRP A 41 9.45 -3.46 19.08
N GLY A 42 10.11 -2.83 18.13
CA GLY A 42 11.23 -3.44 17.45
C GLY A 42 10.90 -4.27 16.23
N TYR A 43 9.69 -4.10 15.71
CA TYR A 43 9.31 -4.79 14.47
C TYR A 43 9.74 -4.00 13.24
N ASP A 44 10.17 -4.72 12.20
CA ASP A 44 10.51 -4.13 10.91
C ASP A 44 9.43 -4.45 9.88
N ILE A 46 7.82 -5.17 6.29
CA ILE A 46 8.18 -5.70 4.98
C ILE A 46 7.01 -5.60 4.02
N GLU A 47 7.24 -6.01 2.77
CA GLU A 47 6.16 -6.24 1.82
C GLU A 47 6.38 -7.53 1.05
N THR A 48 5.29 -8.14 0.62
CA THR A 48 5.32 -9.29 -0.27
C THR A 48 4.44 -8.97 -1.47
N PRO A 49 4.52 -9.82 -2.51
CA PRO A 49 3.77 -9.64 -3.76
C PRO A 49 2.27 -9.76 -3.60
N THR A 50 1.57 -9.05 -4.47
CA THR A 50 0.11 -9.12 -4.52
C THR A 50 -0.35 -10.54 -4.88
N LEU A 51 0.43 -11.20 -5.74
CA LEU A 51 0.10 -12.56 -6.20
C LEU A 51 1.01 -13.62 -5.60
N GLU A 52 0.42 -14.75 -5.22
CA GLU A 52 1.16 -15.93 -4.76
C GLU A 52 0.57 -17.14 -5.47
N TYR A 53 1.31 -18.25 -5.51
CA TYR A 53 0.77 -19.47 -6.06
C TYR A 53 -0.28 -20.01 -5.12
N TYR A 54 -1.34 -20.56 -5.70
CA TYR A 54 -2.37 -21.25 -4.94
C TYR A 54 -1.83 -22.51 -4.25
N GLU A 55 -1.05 -23.30 -4.98
CA GLU A 55 -0.68 -24.66 -4.51
C GLU A 55 0.40 -24.65 -3.44
N THR A 56 1.03 -23.51 -3.23
CA THR A 56 2.00 -23.35 -2.15
C THR A 56 1.41 -22.50 -1.05
N VAL A 57 1.48 -21.18 -1.23
CA VAL A 57 1.02 -20.22 -0.24
C VAL A 57 -0.49 -20.23 0.02
N GLY A 58 -1.28 -20.34 -1.03
CA GLY A 58 -2.72 -20.30 -0.87
C GLY A 58 -3.26 -21.41 0.01
N VAL A 59 -2.78 -22.63 -0.22
CA VAL A 59 -3.31 -23.77 0.52
C VAL A 59 -2.86 -23.80 1.99
N VAL A 60 -1.76 -23.15 2.34
CA VAL A 60 -1.31 -23.21 3.74
C VAL A 60 -1.77 -22.02 4.55
N SER A 61 -2.44 -21.08 3.88
CA SER A 61 -3.12 -19.97 4.54
C SER A 61 -4.20 -20.47 5.48
N ALA A 62 -4.48 -19.69 6.53
CA ALA A 62 -5.58 -19.95 7.46
C ALA A 62 -6.95 -19.69 6.83
N ILE A 63 -6.98 -18.93 5.74
CA ILE A 63 -8.23 -18.67 5.04
C ILE A 63 -8.72 -19.96 4.35
N LEU A 64 -10.01 -20.26 4.46
CA LEU A 64 -10.58 -21.50 3.90
C LEU A 64 -10.57 -21.46 2.39
N ASP A 65 -10.44 -22.63 1.79
CA ASP A 65 -10.27 -22.71 0.35
C ASP A 65 -11.34 -21.93 -0.43
N GLN A 66 -12.59 -22.02 0.01
CA GLN A 66 -13.67 -21.41 -0.74
C GLN A 66 -13.65 -19.87 -0.62
N GLN A 67 -12.85 -19.37 0.32
CA GLN A 67 -12.78 -17.93 0.54
C GLN A 67 -11.59 -17.29 -0.18
N LEU A 68 -10.76 -18.13 -0.78
CA LEU A 68 -9.60 -17.63 -1.53
C LEU A 68 -9.99 -16.97 -2.84
N PHE A 69 -9.32 -15.85 -3.15
CA PHE A 69 -9.43 -15.27 -4.47
C PHE A 69 -8.45 -15.96 -5.42
N LYS A 70 -8.98 -16.90 -6.20
CA LYS A 70 -8.21 -17.67 -7.16
C LYS A 70 -8.31 -17.08 -8.57
N LEU A 71 -7.22 -17.17 -9.33
CA LEU A 71 -7.24 -16.83 -10.75
C LEU A 71 -6.25 -17.69 -11.52
N LEU A 72 -6.51 -17.87 -12.82
CA LEU A 72 -5.51 -18.49 -13.69
C LEU A 72 -4.60 -17.43 -14.29
N ASP A 73 -3.29 -17.66 -14.29
CA ASP A 73 -2.39 -16.81 -15.06
C ASP A 73 -2.40 -17.25 -16.53
N GLN A 74 -1.61 -16.57 -17.37
CA GLN A 74 -1.66 -16.84 -18.80
C GLN A 74 -1.04 -18.19 -19.16
N GLN A 75 -0.35 -18.81 -18.20
CA GLN A 75 0.27 -20.10 -18.47
C GLN A 75 -0.53 -21.22 -17.83
N GLY A 76 -1.63 -20.87 -17.17
CA GLY A 76 -2.53 -21.85 -16.61
C GLY A 76 -2.29 -22.23 -15.15
N ASN A 77 -1.30 -21.59 -14.52
CA ASN A 77 -1.10 -21.79 -13.08
C ASN A 77 -2.23 -21.14 -12.32
N THR A 78 -2.66 -21.74 -11.22
CA THR A 78 -3.61 -21.11 -10.35
C THR A 78 -2.88 -20.23 -9.33
N LEU A 79 -3.22 -18.95 -9.33
CA LEU A 79 -2.68 -18.03 -8.37
C LEU A 79 -3.75 -17.58 -7.42
N VAL A 80 -3.33 -16.99 -6.31
CA VAL A 80 -4.24 -16.29 -5.45
C VAL A 80 -3.78 -14.86 -5.27
N LEU A 81 -4.71 -13.95 -5.14
CA LEU A 81 -4.44 -12.65 -4.61
C LEU A 81 -4.29 -12.89 -3.12
N ARG A 82 -3.18 -12.49 -2.53
CA ARG A 82 -2.81 -12.97 -1.19
C ARG A 82 -3.98 -12.91 -0.21
N PRO A 83 -4.30 -14.06 0.40
CA PRO A 83 -5.37 -14.06 1.39
C PRO A 83 -4.92 -13.49 2.75
N ASP A 84 -3.62 -13.57 3.05
CA ASP A 84 -3.12 -13.17 4.37
C ASP A 84 -1.65 -12.82 4.24
N THR A 86 0.64 -13.89 6.74
CA THR A 86 1.43 -14.82 7.54
C THR A 86 2.18 -15.82 6.65
N ALA A 87 1.46 -16.44 5.72
CA ALA A 87 2.10 -17.41 4.83
C ALA A 87 3.13 -16.76 3.88
N PRO A 88 2.79 -15.61 3.29
CA PRO A 88 3.83 -14.93 2.50
C PRO A 88 5.07 -14.62 3.35
N ILE A 89 4.86 -14.15 4.57
CA ILE A 89 6.01 -13.88 5.43
C ILE A 89 6.80 -15.15 5.73
N ALA A 90 6.09 -16.25 5.98
CA ALA A 90 6.77 -17.53 6.19
C ALA A 90 7.64 -17.85 4.98
N ARG A 91 7.08 -17.66 3.78
CA ARG A 91 7.83 -17.92 2.55
C ARG A 91 9.05 -17.01 2.48
N LEU A 92 8.82 -15.73 2.75
CA LEU A 92 9.89 -14.72 2.73
C LEU A 92 11.00 -15.11 3.71
N VAL A 93 10.62 -15.48 4.92
CA VAL A 93 11.59 -15.83 5.96
C VAL A 93 12.41 -17.07 5.58
N ALA A 94 11.74 -18.12 5.11
CA ALA A 94 12.44 -19.33 4.73
C ALA A 94 13.33 -19.10 3.51
N SER A 95 12.96 -18.11 2.68
CA SER A 95 13.66 -17.82 1.44
C SER A 95 14.89 -16.92 1.59
N SER A 96 14.68 -15.72 2.09
CA SER A 96 15.68 -14.66 2.02
C SER A 96 16.12 -14.14 3.39
N LEU A 97 15.68 -14.80 4.45
CA LEU A 97 15.95 -14.32 5.78
C LEU A 97 16.48 -15.43 6.68
N LYS A 98 16.88 -16.53 6.06
CA LYS A 98 17.44 -17.67 6.79
C LYS A 98 18.76 -17.29 7.43
N ASP A 99 19.52 -16.45 6.75
CA ASP A 99 20.80 -15.97 7.26
C ASP A 99 20.59 -15.08 8.47
N ARG A 100 19.41 -14.47 8.56
CA ARG A 100 19.02 -13.71 9.73
C ARG A 100 18.51 -14.67 10.81
N ALA A 101 19.24 -14.74 11.92
CA ALA A 101 18.83 -15.62 13.01
C ALA A 101 17.61 -15.09 13.75
N TYR A 102 16.95 -15.99 14.48
CA TYR A 102 15.77 -15.67 15.27
C TYR A 102 16.17 -15.09 16.63
N PRO A 103 15.22 -14.45 17.33
CA PRO A 103 13.82 -14.22 16.88
C PRO A 103 13.69 -13.06 15.89
N LEU A 104 12.80 -13.23 14.91
CA LEU A 104 12.49 -12.21 13.92
C LEU A 104 11.20 -11.50 14.27
N ARG A 105 11.19 -10.18 14.17
CA ARG A 105 9.98 -9.41 14.43
C ARG A 105 9.66 -8.63 13.17
N LEU A 106 8.63 -9.10 12.47
CA LEU A 106 8.27 -8.50 11.19
C LEU A 106 6.85 -7.93 11.25
N ALA A 107 6.59 -6.88 10.48
CA ALA A 107 5.30 -6.22 10.46
C ALA A 107 4.84 -5.92 9.02
N TYR A 108 3.56 -5.63 8.85
CA TYR A 108 3.02 -5.39 7.52
C TYR A 108 1.77 -4.54 7.63
N GLN A 109 1.49 -3.86 6.54
CA GLN A 109 0.23 -3.17 6.37
C GLN A 109 -0.07 -3.34 4.91
N SER A 110 -1.01 -4.23 4.61
CA SER A 110 -1.19 -4.67 3.23
C SER A 110 -2.65 -4.98 2.93
N ASN A 111 -3.03 -4.75 1.68
CA ASN A 111 -4.33 -5.24 1.21
C ASN A 111 -4.33 -6.77 1.07
N VAL A 112 -5.37 -7.40 1.60
CA VAL A 112 -5.59 -8.82 1.37
C VAL A 112 -6.94 -9.02 0.67
N TYR A 113 -7.18 -10.23 0.21
CA TYR A 113 -8.27 -10.47 -0.74
C TYR A 113 -9.10 -11.69 -0.37
N ARG A 114 -10.38 -11.65 -0.72
CA ARG A 114 -11.29 -12.80 -0.60
C ARG A 114 -12.01 -13.04 -1.92
N ALA A 115 -12.46 -14.27 -2.14
CA ALA A 115 -13.24 -14.62 -3.31
C ALA A 115 -14.39 -13.63 -3.45
N GLN A 116 -14.67 -13.18 -4.66
CA GLN A 116 -15.78 -12.27 -4.89
C GLN A 116 -17.09 -12.99 -4.51
N GLN A 117 -17.95 -12.32 -3.77
CA GLN A 117 -19.18 -12.95 -3.27
C GLN A 117 -20.26 -11.91 -3.00
N GLY A 121 -23.08 -8.08 -0.48
CA GLY A 121 -21.89 -7.40 -0.99
C GLY A 121 -20.76 -7.32 0.02
N LYS A 122 -20.15 -8.47 0.33
CA LYS A 122 -18.98 -8.50 1.21
C LYS A 122 -17.71 -8.06 0.46
N PRO A 123 -16.77 -7.40 1.16
CA PRO A 123 -15.61 -6.85 0.47
C PRO A 123 -14.65 -7.96 0.00
N ALA A 124 -14.16 -7.86 -1.23
CA ALA A 124 -13.21 -8.84 -1.71
C ALA A 124 -11.76 -8.33 -1.54
N GLU A 125 -11.62 -7.12 -1.01
CA GLU A 125 -10.32 -6.52 -0.75
C GLU A 125 -10.41 -5.61 0.48
N PHE A 126 -9.44 -5.74 1.39
CA PHE A 126 -9.42 -4.87 2.56
C PHE A 126 -8.04 -4.86 3.16
N GLU A 127 -7.73 -3.75 3.84
CA GLU A 127 -6.40 -3.53 4.38
C GLU A 127 -6.25 -4.23 5.72
N GLN A 128 -5.10 -4.89 5.91
CA GLN A 128 -4.84 -5.62 7.15
C GLN A 128 -3.47 -5.19 7.66
N LEU A 129 -3.34 -5.04 8.97
CA LEU A 129 -2.11 -4.55 9.59
C LEU A 129 -1.78 -5.51 10.73
N GLY A 130 -0.50 -5.88 10.86
CA GLY A 130 -0.16 -6.85 11.88
C GLY A 130 1.32 -7.16 12.02
N VAL A 131 1.64 -8.23 12.75
CA VAL A 131 3.01 -8.58 13.03
C VAL A 131 3.12 -10.08 13.10
N GLU A 132 4.34 -10.55 12.93
CA GLU A 132 4.68 -11.95 13.13
C GLU A 132 5.91 -11.93 14.03
N LEU A 133 5.91 -12.77 15.06
CA LEU A 133 7.09 -12.94 15.92
C LEU A 133 7.52 -14.38 15.76
N ILE A 134 8.70 -14.60 15.19
CA ILE A 134 9.07 -15.94 14.74
C ILE A 134 10.35 -16.41 15.43
N GLY A 135 10.33 -17.65 15.92
CA GLY A 135 11.51 -18.25 16.54
C GLY A 135 11.56 -18.12 18.06
N ASP A 136 10.45 -17.73 18.68
CA ASP A 136 10.41 -17.56 20.14
C ASP A 136 9.20 -18.29 20.69
N GLY A 137 9.42 -19.42 21.34
CA GLY A 137 8.32 -20.27 21.77
C GLY A 137 7.79 -19.98 23.16
N THR A 138 8.25 -18.89 23.78
CA THR A 138 7.94 -18.67 25.20
C THR A 138 6.57 -18.02 25.34
N ALA A 139 6.02 -18.09 26.55
CA ALA A 139 4.78 -17.37 26.83
C ALA A 139 5.03 -15.85 26.82
N SER A 140 6.27 -15.45 27.03
CA SER A 140 6.62 -14.03 26.97
C SER A 140 6.34 -13.52 25.57
N ALA A 141 6.55 -14.40 24.59
CA ALA A 141 6.31 -14.02 23.20
C ALA A 141 4.81 -13.95 22.94
N ASP A 142 4.04 -14.92 23.43
CA ASP A 142 2.59 -14.88 23.25
C ASP A 142 2.07 -13.59 23.86
N GLY A 143 2.59 -13.25 25.04
CA GLY A 143 2.11 -12.08 25.74
C GLY A 143 2.48 -10.77 25.02
N GLU A 144 3.68 -10.75 24.46
CA GLU A 144 4.16 -9.59 23.75
C GLU A 144 3.23 -9.25 22.58
N VAL A 145 2.86 -10.24 21.76
CA VAL A 145 2.04 -9.94 20.58
C VAL A 145 0.65 -9.47 20.96
N ILE A 146 0.07 -10.08 21.99
CA ILE A 146 -1.24 -9.65 22.47
C ILE A 146 -1.17 -8.24 23.07
N ALA A 147 -0.18 -7.99 23.93
CA ALA A 147 -0.02 -6.68 24.53
C ALA A 147 0.25 -5.61 23.49
N LEU A 148 1.02 -5.93 22.45
CA LEU A 148 1.27 -4.96 21.38
C LEU A 148 -0.03 -4.65 20.61
N ILE A 150 -2.99 -4.80 21.75
CA ILE A 150 -3.77 -3.94 22.65
C ILE A 150 -3.25 -2.51 22.66
N ALA A 151 -1.93 -2.34 22.76
CA ALA A 151 -1.32 -1.01 22.73
C ALA A 151 -1.58 -0.24 21.42
N ALA A 152 -1.51 -0.96 20.30
CA ALA A 152 -1.72 -0.34 18.98
C ALA A 152 -3.17 0.10 18.81
N LEU A 153 -4.09 -0.75 19.25
CA LEU A 153 -5.50 -0.43 19.17
C LEU A 153 -5.84 0.81 20.00
N LYS A 154 -5.25 0.91 21.18
CA LYS A 154 -5.48 2.08 22.04
C LYS A 154 -4.89 3.29 21.37
N ARG A 155 -3.71 3.12 20.81
CA ARG A 155 -3.09 4.26 20.19
C ARG A 155 -3.91 4.75 18.97
N ALA A 156 -4.66 3.83 18.35
CA ALA A 156 -5.56 4.15 17.24
C ALA A 156 -6.83 4.88 17.71
N GLY A 157 -7.05 4.92 19.02
CA GLY A 157 -8.24 5.56 19.57
C GLY A 157 -9.35 4.62 19.97
N LEU A 158 -9.12 3.30 19.88
CA LEU A 158 -10.15 2.36 20.30
C LEU A 158 -10.00 2.12 21.80
N SER A 159 -10.95 2.62 22.58
CA SER A 159 -10.83 2.61 24.04
C SER A 159 -11.65 1.50 24.69
N GLU A 160 -12.72 1.08 24.03
CA GLU A 160 -13.50 -0.04 24.54
C GLU A 160 -13.46 -1.25 23.60
N PHE A 161 -12.86 -2.33 24.07
CA PHE A 161 -12.81 -3.56 23.29
C PHE A 161 -12.32 -4.66 24.22
N LYS A 162 -12.46 -5.89 23.77
CA LYS A 162 -12.17 -7.04 24.62
C LYS A 162 -11.47 -8.08 23.78
N VAL A 163 -10.37 -8.62 24.30
CA VAL A 163 -9.66 -9.71 23.67
C VAL A 163 -9.96 -11.03 24.40
N ALA A 164 -10.53 -12.00 23.69
CA ALA A 164 -10.74 -13.34 24.23
C ALA A 164 -9.58 -14.26 23.85
N ILE A 165 -9.06 -14.97 24.84
CA ILE A 165 -7.88 -15.81 24.63
C ILE A 165 -8.24 -17.27 24.83
N GLY A 166 -7.97 -18.08 23.81
CA GLY A 166 -8.18 -19.52 23.88
C GLY A 166 -6.85 -20.25 23.81
N HIS A 167 -6.90 -21.57 23.75
CA HIS A 167 -5.66 -22.34 23.73
C HIS A 167 -5.87 -23.71 23.11
N VAL A 168 -5.29 -23.91 21.92
CA VAL A 168 -5.44 -25.17 21.18
C VAL A 168 -4.89 -26.36 21.94
N GLY A 169 -3.76 -26.15 22.60
CA GLY A 169 -3.14 -27.21 23.37
C GLY A 169 -4.01 -27.65 24.54
N TYR A 170 -4.67 -26.70 25.21
CA TYR A 170 -5.55 -27.07 26.33
C TYR A 170 -6.71 -27.90 25.83
N VAL A 171 -7.36 -27.42 24.77
CA VAL A 171 -8.54 -28.07 24.21
C VAL A 171 -8.20 -29.48 23.75
N ASN A 172 -7.10 -29.62 23.01
CA ASN A 172 -6.70 -30.93 22.52
C ASN A 172 -6.40 -31.90 23.67
N ALA A 173 -5.71 -31.40 24.68
CA ALA A 173 -5.34 -32.23 25.82
C ALA A 173 -6.59 -32.76 26.54
N LEU A 174 -7.56 -31.88 26.78
CA LEU A 174 -8.81 -32.27 27.43
C LEU A 174 -9.61 -33.23 26.55
N LEU A 175 -9.87 -32.84 25.30
CA LEU A 175 -10.68 -33.63 24.40
C LEU A 175 -10.07 -35.02 24.18
N ASP A 177 -7.95 -36.67 26.04
CA ASP A 177 -7.96 -37.47 27.25
C ASP A 177 -9.35 -38.07 27.47
N VAL A 178 -10.39 -37.30 27.19
CA VAL A 178 -11.75 -37.80 27.40
C VAL A 178 -12.20 -38.79 26.32
N VAL A 179 -12.08 -38.43 25.05
CA VAL A 179 -12.62 -39.30 24.00
C VAL A 179 -11.57 -40.18 23.32
N GLY A 180 -10.30 -39.98 23.67
CA GLY A 180 -9.19 -40.82 23.24
C GLY A 180 -8.99 -40.99 21.74
N ASN A 181 -9.60 -40.12 20.93
CA ASN A 181 -9.69 -40.37 19.50
C ASN A 181 -9.77 -39.06 18.70
N GLU A 182 -8.94 -38.92 17.68
CA GLU A 182 -8.89 -37.65 16.96
C GLU A 182 -10.19 -37.35 16.20
N GLN A 183 -10.85 -38.39 15.71
CA GLN A 183 -12.12 -38.24 15.01
C GLN A 183 -13.24 -37.80 15.96
N ARG A 184 -13.30 -38.42 17.12
CA ARG A 184 -14.27 -38.03 18.15
C ARG A 184 -13.95 -36.61 18.61
N ALA A 185 -12.67 -36.31 18.77
CA ALA A 185 -12.24 -34.97 19.21
C ALA A 185 -12.65 -33.87 18.24
N ASP A 186 -12.46 -34.12 16.95
CA ASP A 186 -12.79 -33.12 15.94
C ASP A 186 -14.30 -32.89 15.88
N ARG A 187 -15.08 -33.94 16.12
CA ARG A 187 -16.52 -33.78 16.12
C ARG A 187 -16.93 -32.74 17.16
N LEU A 188 -16.31 -32.83 18.33
CA LEU A 188 -16.60 -31.89 19.43
C LEU A 188 -16.07 -30.49 19.12
N ARG A 189 -14.85 -30.45 18.58
CA ARG A 189 -14.20 -29.19 18.23
C ARG A 189 -15.02 -28.46 17.16
N ARG A 190 -15.65 -29.22 16.27
CA ARG A 190 -16.47 -28.61 15.22
C ARG A 190 -17.60 -27.75 15.81
N PHE A 191 -18.32 -28.24 16.83
CA PHE A 191 -19.34 -27.43 17.48
C PHE A 191 -18.74 -26.14 18.06
N LEU A 192 -17.56 -26.26 18.66
CA LEU A 192 -16.93 -25.10 19.30
C LEU A 192 -16.55 -24.08 18.22
N TYR A 193 -15.98 -24.57 17.13
CA TYR A 193 -15.63 -23.72 15.98
C TYR A 193 -16.85 -22.95 15.42
N GLU A 194 -18.00 -23.61 15.35
CA GLU A 194 -19.22 -22.99 14.87
C GLU A 194 -19.94 -22.20 15.95
N LYS A 195 -19.34 -22.16 17.13
CA LYS A 195 -19.96 -21.54 18.30
C LYS A 195 -21.40 -22.03 18.52
N ASN A 196 -21.61 -23.32 18.26
CA ASN A 196 -22.89 -23.99 18.49
C ASN A 196 -22.84 -24.70 19.85
N TYR A 197 -22.95 -23.92 20.93
CA TYR A 197 -22.78 -24.46 22.27
C TYR A 197 -23.93 -25.38 22.67
N VAL A 198 -25.14 -25.04 22.24
CA VAL A 198 -26.27 -25.92 22.46
C VAL A 198 -26.02 -27.25 21.76
N GLY A 199 -25.53 -27.20 20.52
CA GLY A 199 -25.25 -28.43 19.80
C GLY A 199 -24.17 -29.27 20.49
N TYR A 200 -23.16 -28.59 21.00
CA TYR A 200 -22.09 -29.22 21.75
C TYR A 200 -22.59 -30.01 22.95
N ARG A 201 -23.47 -29.39 23.77
CA ARG A 201 -24.01 -30.06 24.97
C ARG A 201 -24.78 -31.31 24.60
N GLU A 202 -25.68 -31.17 23.64
CA GLU A 202 -26.46 -32.31 23.21
C GLU A 202 -25.55 -33.43 22.68
N HIS A 203 -24.48 -33.05 22.00
CA HIS A 203 -23.56 -34.04 21.44
C HIS A 203 -22.82 -34.75 22.56
N VAL A 204 -22.32 -33.99 23.52
CA VAL A 204 -21.67 -34.62 24.66
C VAL A 204 -22.57 -35.69 25.28
N LYS A 205 -23.84 -35.36 25.49
CA LYS A 205 -24.77 -36.26 26.17
C LYS A 205 -24.97 -37.55 25.37
N SER A 206 -24.78 -37.48 24.05
CA SER A 206 -25.01 -38.65 23.19
C SER A 206 -23.81 -39.60 23.18
N LEU A 207 -22.69 -39.16 23.75
CA LEU A 207 -21.47 -39.94 23.67
C LEU A 207 -21.43 -41.10 24.64
N ASN A 208 -20.72 -42.15 24.25
CA ASN A 208 -20.52 -43.32 25.10
C ASN A 208 -19.43 -43.03 26.13
N LEU A 209 -19.81 -42.36 27.22
CA LEU A 209 -18.88 -41.88 28.22
C LEU A 209 -19.54 -41.97 29.59
N SER A 210 -18.74 -42.15 30.64
CA SER A 210 -19.24 -42.03 32.01
C SER A 210 -19.80 -40.62 32.20
N THR A 211 -20.71 -40.44 33.14
CA THR A 211 -21.28 -39.11 33.33
C THR A 211 -20.21 -38.16 33.85
N ILE A 212 -19.28 -38.69 34.63
CA ILE A 212 -18.16 -37.90 35.12
C ILE A 212 -17.38 -37.31 33.94
N ASP A 213 -17.23 -38.08 32.87
CA ASP A 213 -16.46 -37.59 31.71
C ASP A 213 -17.27 -36.60 30.90
N LYS A 214 -18.57 -36.84 30.79
CA LYS A 214 -19.45 -35.87 30.16
C LYS A 214 -19.37 -34.52 30.90
N SER A 215 -19.36 -34.53 32.23
CA SER A 215 -19.25 -33.27 32.98
C SER A 215 -17.96 -32.53 32.65
N ARG A 216 -16.87 -33.26 32.46
CA ARG A 216 -15.61 -32.64 32.08
C ARG A 216 -15.74 -31.92 30.76
N LEU A 217 -16.34 -32.58 29.76
CA LEU A 217 -16.62 -31.94 28.49
C LEU A 217 -17.59 -30.76 28.65
N ASN A 219 -18.02 -28.87 31.22
CA ASN A 219 -17.38 -27.80 31.97
C ASN A 219 -16.40 -26.96 31.15
N LEU A 220 -16.00 -27.47 29.98
CA LEU A 220 -15.19 -26.66 29.07
C LEU A 220 -15.91 -25.34 28.75
N LEU A 221 -17.22 -25.39 28.58
CA LEU A 221 -18.02 -24.20 28.25
C LEU A 221 -18.01 -23.14 29.34
N SER A 222 -17.67 -23.53 30.56
CA SER A 222 -17.66 -22.56 31.66
C SER A 222 -16.28 -21.91 31.88
N LEU A 223 -15.30 -22.31 31.07
CA LEU A 223 -13.94 -21.83 31.25
C LEU A 223 -13.74 -20.46 30.58
N ARG A 224 -14.43 -19.47 31.13
CA ARG A 224 -14.40 -18.09 30.64
C ARG A 224 -14.12 -17.17 31.83
N GLY A 225 -13.11 -16.31 31.70
CA GLY A 225 -12.77 -15.39 32.77
C GLY A 225 -11.28 -15.28 33.00
N GLY A 226 -10.89 -14.97 34.23
CA GLY A 226 -9.48 -14.77 34.54
C GLY A 226 -8.81 -15.87 35.35
N ARG A 227 -8.20 -15.49 36.46
CA ARG A 227 -7.49 -16.45 37.28
C ARG A 227 -8.40 -17.57 37.77
N ALA A 228 -9.66 -17.27 38.03
CA ALA A 228 -10.57 -18.31 38.53
C ALA A 228 -10.91 -19.30 37.42
N ALA A 229 -10.94 -18.84 36.18
CA ALA A 229 -11.16 -19.76 35.08
C ALA A 229 -9.96 -20.71 34.89
N ILE A 230 -8.75 -20.18 34.99
CA ILE A 230 -7.57 -21.03 34.92
C ILE A 230 -7.69 -22.12 35.99
N GLU A 231 -8.10 -21.74 37.20
CA GLU A 231 -8.15 -22.72 38.29
C GLU A 231 -9.17 -23.81 37.99
N GLU A 232 -10.34 -23.39 37.52
CA GLU A 232 -11.36 -24.34 37.08
C GLU A 232 -10.81 -25.25 35.98
N ALA A 233 -10.04 -24.67 35.07
CA ALA A 233 -9.49 -25.42 33.94
C ALA A 233 -8.52 -26.51 34.41
N ARG A 234 -7.73 -26.20 35.45
CA ARG A 234 -6.83 -27.17 36.09
C ARG A 234 -7.55 -28.43 36.57
N GLY A 235 -8.79 -28.27 37.03
CA GLY A 235 -9.56 -29.38 37.56
C GLY A 235 -10.02 -30.38 36.51
N LEU A 236 -10.02 -29.98 35.24
CA LEU A 236 -10.56 -30.85 34.20
C LEU A 236 -9.56 -31.78 33.55
N ILE A 237 -8.28 -31.45 33.67
CA ILE A 237 -7.27 -32.20 32.93
C ILE A 237 -5.94 -32.05 33.65
N GLN A 238 -5.34 -33.18 34.02
CA GLN A 238 -4.04 -33.13 34.68
C GLN A 238 -2.99 -34.02 34.02
N THR A 239 -3.19 -34.33 32.73
CA THR A 239 -2.16 -35.02 31.97
C THR A 239 -0.97 -34.11 31.80
N GLU A 240 0.10 -34.61 31.21
CA GLU A 240 1.29 -33.78 31.02
C GLU A 240 1.03 -32.66 30.01
N LYS A 241 0.37 -32.96 28.90
CA LYS A 241 0.02 -31.93 27.92
C LYS A 241 -0.91 -30.87 28.50
N GLY A 242 -1.88 -31.32 29.31
CA GLY A 242 -2.77 -30.40 29.98
C GLY A 242 -1.97 -29.48 30.88
N LYS A 243 -1.07 -30.07 31.66
CA LYS A 243 -0.23 -29.28 32.57
C LYS A 243 0.63 -28.26 31.83
N THR A 244 1.21 -28.67 30.71
CA THR A 244 1.99 -27.72 29.92
C THR A 244 1.09 -26.58 29.43
N ALA A 245 -0.08 -26.91 28.89
CA ALA A 245 -0.94 -25.85 28.39
C ALA A 245 -1.33 -24.93 29.53
N LEU A 246 -1.67 -25.53 30.66
CA LEU A 246 -2.12 -24.77 31.81
C LEU A 246 -1.01 -23.85 32.30
N ALA A 247 0.23 -24.32 32.28
CA ALA A 247 1.36 -23.49 32.69
C ALA A 247 1.54 -22.32 31.73
N GLU A 248 1.40 -22.59 30.44
CA GLU A 248 1.50 -21.53 29.44
C GLU A 248 0.42 -20.49 29.68
N THR A 250 -1.12 -19.78 32.54
CA THR A 250 -0.82 -19.07 33.79
C THR A 250 0.26 -18.02 33.57
N LYS A 251 1.34 -18.42 32.92
CA LYS A 251 2.42 -17.48 32.62
C LYS A 251 1.95 -16.31 31.74
N LEU A 252 1.18 -16.64 30.70
CA LEU A 252 0.63 -15.60 29.81
C LEU A 252 -0.20 -14.56 30.55
N TYR A 253 -1.07 -15.01 31.43
CA TYR A 253 -1.92 -14.09 32.17
C TYR A 253 -1.02 -13.16 33.02
N GLU A 254 0.02 -13.72 33.62
CA GLU A 254 0.93 -12.92 34.44
C GLU A 254 1.69 -11.90 33.59
N VAL A 255 2.24 -12.35 32.46
CA VAL A 255 2.89 -11.44 31.53
C VAL A 255 1.97 -10.28 31.15
N LEU A 256 0.72 -10.60 30.80
CA LEU A 256 -0.25 -9.56 30.41
C LEU A 256 -0.55 -8.60 31.55
N GLU A 257 -0.57 -9.14 32.78
CA GLU A 257 -0.67 -8.28 33.96
C GLU A 257 0.53 -7.34 34.04
N SER A 258 1.73 -7.88 33.85
CA SER A 258 2.94 -7.08 33.84
C SER A 258 2.93 -5.99 32.79
N TYR A 259 2.33 -6.26 31.62
CA TYR A 259 2.20 -5.24 30.59
C TYR A 259 1.13 -4.21 30.92
N GLY A 260 0.35 -4.46 31.98
CA GLY A 260 -0.76 -3.58 32.30
C GLY A 260 -1.93 -3.74 31.33
N ALA A 261 -2.14 -4.95 30.81
CA ALA A 261 -3.21 -5.14 29.83
C ALA A 261 -4.26 -6.14 30.26
N SER A 262 -4.21 -6.56 31.53
CA SER A 262 -5.13 -7.58 32.01
C SER A 262 -6.59 -7.17 31.83
N GLU A 263 -6.91 -5.90 32.08
CA GLU A 263 -8.31 -5.49 32.01
C GLU A 263 -8.92 -5.62 30.61
N TYR A 264 -8.07 -5.77 29.58
CA TYR A 264 -8.56 -5.89 28.20
C TYR A 264 -8.82 -7.32 27.74
N VAL A 265 -8.46 -8.30 28.57
CA VAL A 265 -8.50 -9.69 28.15
C VAL A 265 -9.36 -10.57 29.08
N LYS A 266 -9.70 -11.74 28.56
CA LYS A 266 -10.36 -12.77 29.33
CA LYS A 266 -10.34 -12.78 29.35
C LYS A 266 -10.03 -14.07 28.64
N PHE A 267 -9.97 -15.16 29.38
CA PHE A 267 -9.82 -16.45 28.75
C PHE A 267 -11.22 -16.86 28.31
N ASP A 268 -11.28 -17.59 27.20
CA ASP A 268 -12.47 -18.32 26.79
C ASP A 268 -11.97 -19.58 26.09
N LEU A 269 -11.88 -20.67 26.84
CA LEU A 269 -11.24 -21.86 26.31
CA LEU A 269 -11.25 -21.87 26.33
C LEU A 269 -12.11 -22.59 25.29
N THR A 270 -13.31 -22.08 25.04
CA THR A 270 -14.14 -22.61 23.92
C THR A 270 -13.71 -22.04 22.57
N LEU A 271 -12.85 -21.04 22.60
CA LEU A 271 -12.43 -20.36 21.37
C LEU A 271 -11.64 -21.28 20.45
N VAL A 272 -12.19 -21.51 19.25
CA VAL A 272 -11.52 -22.29 18.23
C VAL A 272 -11.56 -21.44 16.98
N LEU A 273 -10.39 -20.98 16.53
CA LEU A 273 -10.36 -20.08 15.38
C LEU A 273 -10.28 -20.83 14.06
N HIS A 274 -9.84 -22.06 14.08
CA HIS A 274 -9.60 -22.82 12.88
C HIS A 274 -9.53 -24.28 13.30
N SER A 276 -7.47 -26.54 12.40
CA SER A 276 -6.11 -27.09 12.50
C SER A 276 -4.95 -26.13 12.41
N TYR A 277 -5.20 -24.91 11.99
CA TYR A 277 -4.09 -23.99 11.64
C TYR A 277 -3.24 -23.60 12.85
N TYR A 278 -3.89 -23.23 13.94
CA TYR A 278 -3.16 -22.80 15.15
C TYR A 278 -2.76 -23.97 16.04
N THR A 279 -1.69 -23.79 16.82
CA THR A 279 -1.17 -24.89 17.64
C THR A 279 -1.16 -24.58 19.14
N GLY A 280 -1.34 -23.32 19.53
CA GLY A 280 -1.27 -22.99 20.93
C GLY A 280 -2.26 -21.90 21.32
N VAL A 281 -1.76 -20.85 21.95
CA VAL A 281 -2.63 -19.72 22.29
C VAL A 281 -3.27 -19.17 21.02
N VAL A 282 -4.55 -18.81 21.12
CA VAL A 282 -5.28 -18.14 20.04
C VAL A 282 -6.09 -17.03 20.67
N PHE A 283 -6.39 -15.99 19.91
CA PHE A 283 -7.14 -14.89 20.47
C PHE A 283 -7.89 -14.10 19.42
N GLU A 284 -8.91 -13.40 19.87
CA GLU A 284 -9.77 -12.65 18.99
C GLU A 284 -10.21 -11.41 19.74
N GLY A 285 -10.24 -10.26 19.06
CA GLY A 285 -10.63 -9.02 19.71
C GLY A 285 -11.89 -8.44 19.09
N TYR A 286 -12.79 -7.93 19.93
CA TYR A 286 -14.00 -7.26 19.44
C TYR A 286 -14.17 -5.83 19.98
N GLY A 287 -14.71 -4.95 19.14
CA GLY A 287 -15.07 -3.61 19.58
C GLY A 287 -16.42 -3.66 20.28
N ASN A 288 -16.70 -2.68 21.14
CA ASN A 288 -17.89 -2.74 21.97
C ASN A 288 -19.20 -2.73 21.17
N ARG A 289 -19.12 -2.28 19.92
CA ARG A 289 -20.31 -2.10 19.12
C ARG A 289 -20.26 -2.84 17.78
N LEU A 290 -19.93 -4.12 17.82
CA LEU A 290 -20.07 -4.98 16.65
C LEU A 290 -19.75 -6.43 16.98
N GLY A 291 -20.73 -7.30 16.74
CA GLY A 291 -20.59 -8.71 17.03
C GLY A 291 -19.67 -9.42 16.05
N VAL A 292 -18.74 -8.67 15.48
CA VAL A 292 -17.68 -9.26 14.66
C VAL A 292 -16.31 -8.92 15.21
N PRO A 293 -15.41 -9.90 15.24
CA PRO A 293 -14.03 -9.66 15.64
C PRO A 293 -13.37 -8.73 14.64
N LEU A 294 -12.66 -7.72 15.11
CA LEU A 294 -11.90 -6.86 14.22
C LEU A 294 -10.43 -7.23 14.17
N CYS A 295 -10.00 -8.14 15.03
CA CYS A 295 -8.60 -8.57 15.04
C CYS A 295 -8.50 -9.99 15.55
N SER A 296 -7.40 -10.66 15.22
CA SER A 296 -7.19 -12.01 15.76
C SER A 296 -5.75 -12.41 15.60
N GLY A 297 -5.37 -13.53 16.23
CA GLY A 297 -4.00 -13.96 16.19
C GLY A 297 -3.82 -15.25 16.95
N GLY A 298 -2.60 -15.71 17.04
CA GLY A 298 -2.39 -16.99 17.70
C GLY A 298 -1.04 -17.54 17.36
N ARG A 299 -0.69 -18.63 18.03
CA ARG A 299 0.56 -19.32 17.77
C ARG A 299 0.33 -20.43 16.73
N TYR A 300 1.21 -20.48 15.73
CA TYR A 300 1.09 -21.39 14.60
C TYR A 300 2.47 -22.02 14.37
N ASP A 301 2.86 -22.96 15.24
CA ASP A 301 4.22 -23.52 15.24
C ASP A 301 4.55 -24.51 14.13
N GLU A 302 3.57 -24.89 13.31
CA GLU A 302 3.90 -25.85 12.25
C GLU A 302 4.00 -25.23 10.86
N LEU A 303 3.64 -23.97 10.74
CA LEU A 303 3.66 -23.33 9.42
C LEU A 303 5.04 -23.25 8.74
N LEU A 304 6.04 -22.73 9.45
CA LEU A 304 7.36 -22.53 8.85
C LEU A 304 7.99 -23.83 8.35
N SER A 305 7.68 -24.94 9.02
CA SER A 305 8.18 -26.26 8.62
C SER A 305 7.78 -26.55 7.19
N LYS A 306 6.59 -26.07 6.79
CA LYS A 306 6.05 -26.36 5.47
C LYS A 306 6.87 -25.70 4.37
N PHE A 307 7.58 -24.63 4.75
CA PHE A 307 8.53 -23.97 3.88
C PHE A 307 9.97 -24.45 4.13
N HIS A 308 10.12 -25.61 4.76
CA HIS A 308 11.44 -26.23 4.95
C HIS A 308 12.34 -25.49 5.93
N ARG A 309 11.74 -24.70 6.83
CA ARG A 309 12.54 -24.01 7.84
C ARG A 309 11.79 -23.92 9.17
N PRO A 310 11.71 -25.05 9.88
CA PRO A 310 10.93 -25.18 11.10
C PRO A 310 11.21 -24.08 12.10
N ALA A 311 10.15 -23.51 12.66
CA ALA A 311 10.29 -22.50 13.70
C ALA A 311 8.95 -22.27 14.37
N GLN A 312 9.00 -21.89 15.65
CA GLN A 312 7.77 -21.51 16.31
C GLN A 312 7.40 -20.12 15.81
N ALA A 313 6.11 -19.79 15.85
CA ALA A 313 5.72 -18.49 15.35
C ALA A 313 4.41 -18.11 15.97
N THR A 314 4.24 -16.82 16.18
CA THR A 314 2.99 -16.25 16.64
C THR A 314 2.86 -14.84 16.12
N GLY A 315 1.66 -14.31 16.11
CA GLY A 315 1.45 -12.98 15.53
C GLY A 315 0.01 -12.56 15.67
N PHE A 316 -0.34 -11.39 15.14
CA PHE A 316 -1.74 -10.96 15.08
C PHE A 316 -1.98 -10.16 13.79
N GLY A 317 -3.23 -10.03 13.41
CA GLY A 317 -3.63 -9.20 12.29
C GLY A 317 -4.86 -8.38 12.69
N VAL A 318 -4.93 -7.13 12.23
CA VAL A 318 -6.07 -6.25 12.52
C VAL A 318 -6.73 -5.85 11.22
N ARG A 319 -8.05 -6.02 11.13
CA ARG A 319 -8.79 -5.55 9.96
C ARG A 319 -9.07 -4.06 10.01
N ILE A 320 -8.37 -3.31 9.16
CA ILE A 320 -8.44 -1.86 9.16
C ILE A 320 -9.83 -1.32 8.86
N ASP A 321 -10.50 -1.88 7.85
CA ASP A 321 -11.84 -1.41 7.51
C ASP A 321 -12.79 -1.61 8.69
N LEU A 322 -12.72 -2.76 9.34
CA LEU A 322 -13.55 -2.98 10.53
C LEU A 322 -13.14 -2.07 11.68
N LEU A 323 -11.86 -1.75 11.79
CA LEU A 323 -11.42 -0.87 12.87
C LEU A 323 -11.93 0.56 12.65
N VAL A 324 -11.76 1.08 11.44
CA VAL A 324 -12.25 2.40 11.08
C VAL A 324 -13.74 2.52 11.41
N GLU A 325 -14.49 1.49 11.01
CA GLU A 325 -15.92 1.43 11.28
C GLU A 325 -16.25 1.44 12.78
N ALA A 326 -15.50 0.65 13.56
CA ALA A 326 -15.74 0.55 15.00
C ALA A 326 -15.39 1.85 15.71
N LEU A 327 -14.50 2.63 15.10
CA LEU A 327 -14.03 3.87 15.71
C LEU A 327 -15.01 5.02 15.51
N ASN A 328 -15.28 5.34 14.24
CA ASN A 328 -16.15 6.47 13.91
C ASN A 328 -17.58 6.24 14.37
N GLY A 335 -14.22 18.26 3.62
CA GLY A 335 -13.24 18.52 4.67
C GLY A 335 -11.90 18.98 4.09
N HIS A 336 -11.68 20.30 4.13
CA HIS A 336 -10.43 20.87 3.65
C HIS A 336 -9.86 21.90 4.62
N GLU A 337 -8.98 21.44 5.51
CA GLU A 337 -8.22 22.34 6.39
C GLU A 337 -7.06 22.96 5.62
N GLN A 338 -7.30 23.24 4.34
CA GLN A 338 -6.29 23.78 3.46
C GLN A 338 -6.63 25.24 3.18
N THR A 339 -5.64 25.99 2.72
CA THR A 339 -5.87 27.37 2.27
C THR A 339 -5.74 27.47 0.77
N CYS A 340 -6.66 28.21 0.15
CA CYS A 340 -6.60 28.40 -1.28
C CYS A 340 -6.18 29.84 -1.56
N ILE A 341 -5.17 30.01 -2.41
CA ILE A 341 -4.83 31.36 -2.90
C ILE A 341 -5.30 31.48 -4.35
N LEU A 342 -6.29 32.35 -4.56
CA LEU A 342 -6.80 32.63 -5.89
C LEU A 342 -6.06 33.81 -6.47
N PHE A 343 -5.61 33.68 -7.72
CA PHE A 343 -4.81 34.74 -8.32
C PHE A 343 -5.11 34.95 -9.80
N SER A 344 -4.94 36.18 -10.27
CA SER A 344 -4.96 36.49 -11.69
C SER A 344 -3.56 36.40 -12.27
N ASN A 345 -3.49 36.19 -13.58
CA ASN A 345 -2.23 36.00 -14.27
C ASN A 345 -1.17 37.04 -13.95
N GLU A 346 -1.59 38.30 -13.81
CA GLU A 346 -0.67 39.40 -13.58
C GLU A 346 -0.02 39.36 -12.21
N ARG A 347 -0.57 38.57 -11.30
CA ARG A 347 -0.10 38.52 -9.93
C ARG A 347 0.42 37.13 -9.56
N ARG A 348 0.80 36.37 -10.58
CA ARG A 348 1.24 34.99 -10.39
CA ARG A 348 1.24 34.99 -10.38
C ARG A 348 2.44 34.86 -9.45
N PHE A 349 3.47 35.66 -9.67
CA PHE A 349 4.67 35.55 -8.83
C PHE A 349 4.34 35.91 -7.39
N GLU A 350 3.65 37.02 -7.21
CA GLU A 350 3.22 37.42 -5.87
C GLU A 350 2.59 36.23 -5.16
N ALA A 351 1.62 35.60 -5.83
CA ALA A 351 0.89 34.47 -5.27
C ALA A 351 1.77 33.23 -5.07
N ILE A 352 2.59 32.91 -6.06
CA ILE A 352 3.52 31.79 -5.91
C ILE A 352 4.40 31.97 -4.68
N GLU A 353 4.86 33.20 -4.46
CA GLU A 353 5.68 33.50 -3.30
C GLU A 353 4.91 33.40 -1.98
N LEU A 354 3.66 33.85 -1.98
CA LEU A 354 2.81 33.71 -0.80
C LEU A 354 2.74 32.23 -0.42
N ALA A 355 2.41 31.39 -1.40
CA ALA A 355 2.22 29.96 -1.15
C ALA A 355 3.50 29.31 -0.65
N ARG A 356 4.60 29.58 -1.35
CA ARG A 356 5.90 29.05 -0.96
CA ARG A 356 5.91 29.07 -0.97
C ARG A 356 6.18 29.38 0.50
N LYS A 357 5.93 30.62 0.88
CA LYS A 357 6.12 31.06 2.26
C LYS A 357 5.33 30.19 3.25
N LYS A 358 4.05 29.99 2.98
CA LYS A 358 3.16 29.30 3.91
C LYS A 358 3.42 27.79 3.98
N ARG A 359 3.77 27.22 2.85
CA ARG A 359 4.13 25.82 2.77
C ARG A 359 5.42 25.58 3.57
N ALA A 360 6.35 26.52 3.46
CA ALA A 360 7.57 26.47 4.25
C ALA A 360 7.25 26.46 5.74
N ASN A 361 5.99 26.76 6.05
CA ASN A 361 5.55 26.85 7.44
C ASN A 361 4.62 25.70 7.81
N GLY A 362 4.49 24.72 6.93
CA GLY A 362 3.70 23.53 7.20
C GLY A 362 2.21 23.64 6.85
N GLU A 363 1.81 24.78 6.30
CA GLU A 363 0.42 24.97 5.88
C GLU A 363 0.17 24.48 4.46
N ALA A 364 -0.87 23.66 4.29
CA ALA A 364 -1.27 23.19 2.96
C ALA A 364 -1.89 24.35 2.20
N VAL A 365 -1.50 24.50 0.93
CA VAL A 365 -2.02 25.61 0.14
C VAL A 365 -2.32 25.16 -1.28
N VAL A 366 -3.54 25.41 -1.74
CA VAL A 366 -3.84 25.24 -3.15
C VAL A 366 -3.62 26.60 -3.82
N LEU A 367 -2.72 26.61 -4.81
CA LEU A 367 -2.45 27.79 -5.62
C LEU A 367 -3.31 27.72 -6.89
N GLN A 368 -4.32 28.58 -6.99
CA GLN A 368 -5.31 28.44 -8.07
C GLN A 368 -5.48 29.67 -8.95
N ASP A 369 -5.14 29.51 -10.23
CA ASP A 369 -5.33 30.55 -11.23
C ASP A 369 -6.82 30.78 -11.43
N LEU A 370 -7.25 32.04 -11.31
CA LEU A 370 -8.68 32.37 -11.45
C LEU A 370 -9.24 31.87 -12.80
N ALA A 371 -8.38 31.84 -13.81
CA ALA A 371 -8.79 31.43 -15.16
C ALA A 371 -9.01 29.92 -15.29
N GLY A 372 -8.66 29.15 -14.26
CA GLY A 372 -8.89 27.71 -14.27
C GLY A 372 -10.07 27.23 -13.46
N VAL A 373 -10.79 28.16 -12.82
CA VAL A 373 -11.99 27.79 -12.08
C VAL A 373 -13.22 28.38 -12.74
N THR A 374 -14.22 27.56 -13.06
CA THR A 374 -15.43 28.13 -13.63
C THR A 374 -16.28 28.74 -12.52
N ASP A 375 -16.50 27.99 -11.44
CA ASP A 375 -17.32 28.52 -10.35
C ASP A 375 -16.50 28.79 -9.08
N VAL A 376 -16.13 30.05 -8.91
CA VAL A 376 -15.35 30.52 -7.77
C VAL A 376 -15.98 30.24 -6.41
N ASP A 377 -17.25 30.58 -6.24
CA ASP A 377 -17.91 30.34 -4.95
C ASP A 377 -17.96 28.86 -4.59
N ALA A 378 -18.32 28.02 -5.55
CA ALA A 378 -18.40 26.58 -5.32
C ALA A 378 -17.07 26.07 -4.79
N SER A 380 -14.49 28.15 -3.19
CA SER A 380 -14.12 28.78 -1.93
C SER A 380 -14.79 28.09 -0.75
N SER A 381 -15.83 27.31 -1.05
CA SER A 381 -16.58 26.61 -0.02
C SER A 381 -16.01 25.21 0.21
N ASN A 382 -14.98 24.87 -0.54
CA ASN A 382 -14.25 23.62 -0.34
C ASN A 382 -12.93 23.88 0.35
N TYR A 383 -12.75 25.08 0.86
CA TYR A 383 -11.49 25.43 1.52
C TYR A 383 -11.71 26.26 2.77
N GLN A 384 -10.97 25.91 3.82
CA GLN A 384 -11.10 26.54 5.13
C GLN A 384 -10.97 28.05 5.05
N ASP A 385 -9.95 28.49 4.31
CA ASP A 385 -9.72 29.91 4.14
C ASP A 385 -9.29 30.19 2.70
N VAL A 386 -9.61 31.39 2.22
CA VAL A 386 -9.26 31.79 0.86
C VAL A 386 -8.52 33.13 0.87
N ILE A 387 -7.42 33.20 0.14
CA ILE A 387 -6.70 34.45 -0.05
C ILE A 387 -6.79 34.89 -1.51
N TYR A 388 -7.17 36.15 -1.74
CA TYR A 388 -7.34 36.67 -3.10
C TYR A 388 -6.19 37.58 -3.55
N CYS A 389 -5.54 37.17 -4.64
CA CYS A 389 -4.58 38.01 -5.34
C CYS A 389 -5.10 38.22 -6.74
N ILE A 390 -6.16 39.01 -6.83
CA ILE A 390 -6.98 39.11 -8.04
C ILE A 390 -6.79 40.45 -8.74
N GLY A 391 -6.69 40.38 -10.06
CA GLY A 391 -6.63 41.57 -10.88
C GLY A 391 -5.30 42.29 -10.81
N THR A 392 -5.37 43.58 -10.48
CA THR A 392 -4.24 44.48 -10.61
C THR A 392 -3.67 44.92 -9.27
N ALA A 393 -2.36 44.76 -9.11
CA ALA A 393 -1.68 45.14 -7.87
C ALA A 393 -1.74 46.65 -7.63
N SER B 5 2.82 -30.08 -12.23
CA SER B 5 3.32 -30.25 -10.86
C SER B 5 3.21 -28.95 -10.07
N LYS B 6 3.06 -29.09 -8.76
CA LYS B 6 3.01 -27.93 -7.89
C LYS B 6 4.35 -27.20 -7.94
N PRO B 7 4.32 -25.87 -7.85
CA PRO B 7 5.56 -25.11 -7.67
C PRO B 7 6.23 -25.54 -6.37
N PHE B 8 7.53 -25.29 -6.24
CA PHE B 8 8.20 -25.55 -4.96
C PHE B 8 7.83 -24.43 -3.98
N PHE B 10 9.26 -22.29 -2.18
CA PHE B 10 9.91 -20.99 -2.25
C PHE B 10 9.57 -20.18 -3.52
N GLU B 11 8.98 -20.84 -4.52
CA GLU B 11 8.75 -20.16 -5.80
C GLU B 11 7.68 -19.07 -5.73
N LYS B 12 7.97 -17.91 -6.33
CA LYS B 12 7.00 -16.82 -6.44
C LYS B 12 6.55 -16.77 -7.89
N PRO B 13 5.28 -16.38 -8.13
CA PRO B 13 4.83 -16.15 -9.51
C PRO B 13 5.79 -15.21 -10.26
N PHE B 14 5.96 -15.48 -11.55
CA PHE B 14 6.93 -14.75 -12.38
C PHE B 14 6.71 -13.24 -12.32
N GLY B 15 7.81 -12.50 -12.13
CA GLY B 15 7.75 -11.06 -12.07
C GLY B 15 7.38 -10.45 -10.72
N ARG B 17 8.09 -9.83 -6.55
CA ARG B 17 9.28 -9.58 -5.73
C ARG B 17 8.91 -9.29 -4.29
N ASP B 18 9.70 -9.79 -3.36
CA ASP B 18 9.53 -9.45 -1.95
C ASP B 18 10.22 -8.13 -1.69
N THR B 19 9.85 -7.44 -0.62
CA THR B 19 10.53 -6.23 -0.18
C THR B 19 11.10 -6.44 1.22
N LEU B 20 12.41 -6.63 1.30
CA LEU B 20 13.08 -6.84 2.57
C LEU B 20 13.11 -5.58 3.44
N PRO B 21 13.39 -5.74 4.74
CA PRO B 21 13.26 -4.67 5.74
C PRO B 21 14.05 -3.41 5.43
N GLU B 22 15.32 -3.53 5.01
CA GLU B 22 16.15 -2.34 4.77
C GLU B 22 15.69 -1.56 3.56
N TRP B 23 15.40 -2.27 2.46
CA TRP B 23 14.88 -1.63 1.28
C TRP B 23 13.53 -0.98 1.59
N TYR B 24 12.71 -1.64 2.38
CA TYR B 24 11.42 -1.07 2.74
C TYR B 24 11.57 0.28 3.44
N LYS B 25 12.46 0.34 4.44
CA LYS B 25 12.64 1.58 5.21
C LYS B 25 13.10 2.71 4.31
N THR B 26 14.05 2.42 3.43
CA THR B 26 14.58 3.43 2.51
C THR B 26 13.49 3.96 1.58
N LYS B 27 12.71 3.06 0.99
CA LYS B 27 11.67 3.44 0.07
C LYS B 27 10.59 4.22 0.82
N LYS B 28 10.27 3.79 2.03
CA LYS B 28 9.25 4.47 2.81
C LYS B 28 9.65 5.91 3.11
N ASN B 29 10.88 6.11 3.58
CA ASN B 29 11.33 7.48 3.86
C ASN B 29 11.20 8.36 2.62
N ILE B 30 11.67 7.85 1.49
CA ILE B 30 11.57 8.59 0.21
C ILE B 30 10.12 8.95 -0.12
N CYS B 31 9.22 7.98 -0.07
CA CYS B 31 7.82 8.24 -0.41
C CYS B 31 7.15 9.21 0.55
N ASP B 32 7.45 9.08 1.84
CA ASP B 32 6.90 9.96 2.86
C ASP B 32 7.33 11.41 2.65
N GLN B 33 8.57 11.62 2.22
CA GLN B 33 9.01 12.96 1.88
C GLN B 33 8.23 13.53 0.69
N THR B 35 5.19 12.55 -0.43
CA THR B 35 3.78 12.69 -0.10
C THR B 35 3.53 13.89 0.82
N GLU B 36 4.51 14.20 1.66
CA GLU B 36 4.44 15.40 2.49
C GLU B 36 4.44 16.68 1.67
N GLU B 37 5.32 16.75 0.67
CA GLU B 37 5.35 17.92 -0.23
C GLU B 37 4.04 18.01 -1.00
N ILE B 38 3.61 16.90 -1.57
CA ILE B 38 2.36 16.85 -2.30
C ILE B 38 1.18 17.37 -1.48
N ASN B 39 1.16 17.04 -0.19
CA ASN B 39 0.06 17.48 0.67
C ASN B 39 0.09 18.98 0.94
N LEU B 40 1.29 19.52 1.02
CA LEU B 40 1.49 20.96 1.16
C LEU B 40 0.99 21.77 -0.05
N TRP B 41 0.78 21.12 -1.18
CA TRP B 41 0.29 21.81 -2.39
C TRP B 41 -1.20 21.61 -2.61
N GLY B 42 -1.88 21.02 -1.62
CA GLY B 42 -3.32 20.90 -1.65
C GLY B 42 -3.89 19.66 -2.31
N TYR B 43 -3.06 18.66 -2.58
CA TYR B 43 -3.55 17.43 -3.21
C TYR B 43 -4.06 16.48 -2.13
N ASP B 44 -5.13 15.75 -2.44
CA ASP B 44 -5.68 14.77 -1.49
C ASP B 44 -5.40 13.36 -1.98
N ILE B 46 -5.97 9.48 -2.48
CA ILE B 46 -7.08 8.54 -2.53
C ILE B 46 -6.54 7.13 -2.73
N GLU B 47 -7.44 6.14 -2.68
CA GLU B 47 -7.10 4.80 -3.16
C GLU B 47 -8.22 4.26 -4.04
N THR B 48 -7.86 3.39 -4.96
CA THR B 48 -8.82 2.71 -5.83
C THR B 48 -8.53 1.23 -5.73
N PRO B 49 -9.40 0.38 -6.30
CA PRO B 49 -9.25 -1.07 -6.10
C PRO B 49 -8.10 -1.66 -6.88
N THR B 50 -7.69 -2.84 -6.48
CA THR B 50 -6.65 -3.57 -7.16
C THR B 50 -7.15 -4.05 -8.53
N LEU B 51 -8.44 -4.32 -8.63
CA LEU B 51 -9.03 -4.86 -9.85
C LEU B 51 -9.98 -3.87 -10.51
N GLU B 52 -9.80 -3.65 -11.81
CA GLU B 52 -10.75 -2.87 -12.60
C GLU B 52 -11.22 -3.75 -13.75
N TYR B 53 -12.37 -3.40 -14.35
CA TYR B 53 -12.80 -4.09 -15.57
C TYR B 53 -11.88 -3.79 -16.73
N TYR B 54 -11.57 -4.80 -17.52
CA TYR B 54 -10.76 -4.60 -18.71
C TYR B 54 -11.46 -3.72 -19.75
N GLU B 55 -12.73 -4.01 -20.01
CA GLU B 55 -13.45 -3.36 -21.10
C GLU B 55 -13.66 -1.87 -20.88
N THR B 56 -13.58 -1.43 -19.63
CA THR B 56 -13.74 -0.02 -19.32
C THR B 56 -12.40 0.67 -19.02
N VAL B 57 -11.93 0.53 -17.78
CA VAL B 57 -10.66 1.15 -17.37
C VAL B 57 -9.47 0.54 -18.11
N GLY B 58 -9.45 -0.78 -18.26
CA GLY B 58 -8.33 -1.42 -18.92
C GLY B 58 -8.04 -0.79 -20.27
N VAL B 59 -9.06 -0.69 -21.11
CA VAL B 59 -8.88 -0.17 -22.47
C VAL B 59 -8.50 1.31 -22.56
N VAL B 60 -9.03 2.15 -21.67
CA VAL B 60 -8.76 3.59 -21.80
C VAL B 60 -7.46 3.99 -21.10
N SER B 61 -6.80 3.02 -20.48
CA SER B 61 -5.50 3.23 -19.88
C SER B 61 -4.44 3.59 -20.93
N ALA B 62 -3.44 4.37 -20.52
CA ALA B 62 -2.32 4.70 -21.40
C ALA B 62 -1.43 3.49 -21.65
N ILE B 63 -1.52 2.50 -20.77
CA ILE B 63 -0.73 1.27 -20.88
C ILE B 63 -1.23 0.43 -22.05
N LEU B 64 -0.31 -0.03 -22.89
CA LEU B 64 -0.67 -0.74 -24.10
C LEU B 64 -1.33 -2.05 -23.75
N ASP B 65 -2.27 -2.48 -24.59
CA ASP B 65 -3.05 -3.68 -24.31
C ASP B 65 -2.18 -4.89 -23.99
N GLN B 66 -1.08 -5.05 -24.72
CA GLN B 66 -0.21 -6.20 -24.56
C GLN B 66 0.50 -6.17 -23.20
N GLN B 67 0.57 -4.99 -22.60
CA GLN B 67 1.23 -4.82 -21.30
C GLN B 67 0.28 -4.96 -20.11
N LEU B 68 -1.01 -5.16 -20.37
CA LEU B 68 -1.97 -5.23 -19.27
C LEU B 68 -1.91 -6.61 -18.61
N PHE B 69 -2.00 -6.65 -17.27
CA PHE B 69 -2.18 -7.90 -16.57
C PHE B 69 -3.67 -8.24 -16.54
N LYS B 70 -4.08 -9.09 -17.48
CA LYS B 70 -5.46 -9.55 -17.57
C LYS B 70 -5.71 -10.84 -16.80
N LEU B 71 -6.93 -11.00 -16.32
CA LEU B 71 -7.38 -12.25 -15.71
C LEU B 71 -8.89 -12.39 -15.86
N LEU B 72 -9.37 -13.62 -15.83
CA LEU B 72 -10.81 -13.87 -15.79
C LEU B 72 -11.35 -14.00 -14.36
N ASP B 73 -12.50 -13.38 -14.11
CA ASP B 73 -13.17 -13.59 -12.86
C ASP B 73 -13.98 -14.88 -12.95
N GLN B 74 -14.73 -15.19 -11.90
CA GLN B 74 -15.44 -16.46 -11.84
C GLN B 74 -16.75 -16.44 -12.64
N GLN B 75 -17.06 -15.27 -13.21
CA GLN B 75 -18.23 -15.11 -14.05
C GLN B 75 -17.82 -15.14 -15.52
N GLY B 76 -16.52 -15.25 -15.77
CA GLY B 76 -16.01 -15.22 -17.12
C GLY B 76 -15.69 -13.83 -17.66
N ASN B 77 -15.88 -12.79 -16.85
CA ASN B 77 -15.47 -11.43 -17.26
C ASN B 77 -13.95 -11.25 -17.21
N THR B 78 -13.42 -10.38 -18.06
CA THR B 78 -12.00 -10.08 -18.01
C THR B 78 -11.76 -8.86 -17.13
N LEU B 79 -10.92 -9.04 -16.12
CA LEU B 79 -10.48 -7.94 -15.28
C LEU B 79 -9.01 -7.66 -15.56
N VAL B 80 -8.54 -6.51 -15.13
CA VAL B 80 -7.12 -6.22 -15.10
C VAL B 80 -6.71 -5.88 -13.68
N LEU B 81 -5.48 -6.26 -13.32
CA LEU B 81 -4.82 -5.67 -12.17
C LEU B 81 -4.48 -4.26 -12.63
N ARG B 82 -4.84 -3.25 -11.85
CA ARG B 82 -4.72 -1.88 -12.34
C ARG B 82 -3.36 -1.56 -12.96
N PRO B 83 -3.39 -1.11 -14.22
CA PRO B 83 -2.17 -0.76 -14.94
C PRO B 83 -1.63 0.62 -14.54
N ASP B 84 -2.49 1.49 -14.04
CA ASP B 84 -2.09 2.85 -13.69
C ASP B 84 -3.11 3.45 -12.72
N THR B 86 -4.18 6.83 -13.18
CA THR B 86 -4.86 7.93 -13.86
C THR B 86 -6.26 7.53 -14.33
N ALA B 87 -6.38 6.39 -14.99
CA ALA B 87 -7.70 5.95 -15.45
C ALA B 87 -8.64 5.61 -14.28
N PRO B 88 -8.12 4.92 -13.24
CA PRO B 88 -8.98 4.73 -12.07
C PRO B 88 -9.37 6.07 -11.44
N ILE B 89 -8.48 7.04 -11.39
CA ILE B 89 -8.84 8.33 -10.81
C ILE B 89 -9.90 9.03 -11.69
N ALA B 90 -9.79 8.88 -13.00
CA ALA B 90 -10.80 9.46 -13.90
C ALA B 90 -12.17 8.85 -13.61
N ARG B 91 -12.21 7.53 -13.42
CA ARG B 91 -13.46 6.86 -13.05
C ARG B 91 -14.02 7.41 -11.76
N LEU B 92 -13.14 7.57 -10.78
CA LEU B 92 -13.53 8.04 -9.45
C LEU B 92 -14.14 9.43 -9.58
N VAL B 93 -13.44 10.30 -10.31
CA VAL B 93 -13.85 11.68 -10.51
C VAL B 93 -15.22 11.81 -11.17
N ALA B 94 -15.51 10.96 -12.16
CA ALA B 94 -16.77 11.06 -12.89
C ALA B 94 -17.92 10.37 -12.16
N SER B 95 -17.64 9.69 -11.05
CA SER B 95 -18.67 8.95 -10.32
CA SER B 95 -18.69 8.97 -10.34
C SER B 95 -18.79 9.37 -8.87
N SER B 96 -17.97 8.75 -8.03
CA SER B 96 -17.90 9.01 -6.59
C SER B 96 -17.77 10.50 -6.25
N LEU B 97 -17.00 11.20 -7.07
CA LEU B 97 -16.70 12.61 -6.79
C LEU B 97 -17.35 13.52 -7.82
N LYS B 98 -18.42 13.07 -8.47
CA LYS B 98 -19.02 13.85 -9.55
C LYS B 98 -19.54 15.19 -9.06
N ASP B 99 -19.93 15.23 -7.80
CA ASP B 99 -20.47 16.46 -7.21
C ASP B 99 -19.40 17.34 -6.56
N ARG B 100 -18.13 16.97 -6.70
CA ARG B 100 -17.05 17.86 -6.32
C ARG B 100 -16.63 18.66 -7.55
N ALA B 101 -16.75 19.98 -7.46
CA ALA B 101 -16.49 20.86 -8.60
C ALA B 101 -15.01 20.93 -8.96
N TYR B 102 -14.74 21.07 -10.25
CA TYR B 102 -13.37 21.24 -10.73
C TYR B 102 -12.84 22.59 -10.27
N PRO B 103 -11.51 22.73 -10.13
CA PRO B 103 -10.52 21.67 -10.37
C PRO B 103 -10.31 20.75 -9.17
N LEU B 104 -9.96 19.50 -9.45
CA LEU B 104 -9.64 18.53 -8.43
C LEU B 104 -8.16 18.22 -8.44
N ARG B 105 -7.59 18.13 -7.23
CA ARG B 105 -6.19 17.81 -7.04
C ARG B 105 -6.10 16.55 -6.20
N LEU B 106 -5.74 15.45 -6.84
CA LEU B 106 -5.75 14.16 -6.20
C LEU B 106 -4.38 13.53 -6.34
N ALA B 107 -4.06 12.61 -5.43
CA ALA B 107 -2.73 12.01 -5.36
C ALA B 107 -2.85 10.55 -5.00
N TYR B 108 -1.78 9.79 -5.23
CA TYR B 108 -1.80 8.37 -4.90
C TYR B 108 -0.40 7.87 -4.63
N GLN B 109 -0.32 6.75 -3.92
CA GLN B 109 0.91 5.99 -3.80
C GLN B 109 0.43 4.54 -3.84
N SER B 110 0.69 3.87 -4.96
CA SER B 110 0.04 2.59 -5.21
C SER B 110 0.89 1.66 -6.05
N ASN B 111 0.71 0.36 -5.81
CA ASN B 111 1.27 -0.63 -6.73
C ASN B 111 0.44 -0.71 -7.99
N VAL B 112 1.12 -0.70 -9.13
CA VAL B 112 0.46 -0.97 -10.41
C VAL B 112 1.11 -2.18 -11.04
N TYR B 113 0.51 -2.68 -12.11
CA TYR B 113 0.81 -4.04 -12.57
C TYR B 113 0.98 -4.10 -14.08
N ARG B 114 1.84 -5.00 -14.51
CA ARG B 114 2.11 -5.24 -15.92
C ARG B 114 1.95 -6.72 -16.20
N ALA B 115 1.63 -7.06 -17.45
CA ALA B 115 1.51 -8.46 -17.84
C ALA B 115 2.86 -9.15 -17.58
N GLN B 116 2.83 -10.40 -17.12
CA GLN B 116 4.06 -11.15 -16.89
C GLN B 116 4.73 -11.49 -18.23
N GLN B 117 5.80 -10.77 -18.55
CA GLN B 117 6.50 -10.97 -19.81
C GLN B 117 7.97 -11.25 -19.56
N ASN B 118 8.50 -12.28 -20.22
CA ASN B 118 9.88 -12.72 -20.00
C ASN B 118 10.92 -11.61 -20.10
N LYS B 122 11.85 -7.92 -16.08
CA LYS B 122 11.09 -6.78 -15.57
C LYS B 122 10.00 -7.20 -14.58
N PRO B 123 9.80 -6.40 -13.53
CA PRO B 123 8.78 -6.67 -12.51
C PRO B 123 7.37 -6.44 -13.05
N ALA B 124 6.44 -7.31 -12.69
CA ALA B 124 5.06 -7.18 -13.11
C ALA B 124 4.23 -6.42 -12.06
N GLU B 125 4.90 -5.98 -10.99
CA GLU B 125 4.25 -5.22 -9.93
C GLU B 125 5.25 -4.22 -9.37
N PHE B 126 4.89 -2.94 -9.33
CA PHE B 126 5.82 -1.94 -8.82
C PHE B 126 5.07 -0.72 -8.30
N GLU B 127 5.67 -0.02 -7.36
CA GLU B 127 5.00 1.10 -6.69
C GLU B 127 5.17 2.41 -7.46
N GLN B 128 4.07 3.13 -7.61
CA GLN B 128 4.10 4.41 -8.31
C GLN B 128 3.41 5.46 -7.47
N LEU B 129 3.95 6.66 -7.52
CA LEU B 129 3.39 7.76 -6.75
C LEU B 129 3.23 8.98 -7.66
N GLY B 130 2.15 9.73 -7.50
CA GLY B 130 1.93 10.87 -8.38
C GLY B 130 0.66 11.63 -8.04
N VAL B 131 0.27 12.52 -8.96
CA VAL B 131 -0.86 13.41 -8.78
C VAL B 131 -1.61 13.57 -10.09
N GLU B 132 -2.89 13.92 -9.99
CA GLU B 132 -3.70 14.33 -11.14
C GLU B 132 -4.30 15.68 -10.77
N LEU B 133 -4.23 16.63 -11.69
CA LEU B 133 -4.86 17.93 -11.52
C LEU B 133 -5.86 18.06 -12.66
N ILE B 134 -7.14 17.98 -12.31
CA ILE B 134 -8.17 17.76 -13.33
C ILE B 134 -9.11 18.96 -13.42
N GLY B 135 -9.32 19.44 -14.64
CA GLY B 135 -10.27 20.51 -14.86
C GLY B 135 -9.67 21.91 -14.87
N ASP B 136 -8.35 22.01 -14.97
CA ASP B 136 -7.69 23.32 -15.03
C ASP B 136 -6.76 23.32 -16.23
N GLY B 137 -7.15 24.08 -17.25
CA GLY B 137 -6.43 24.10 -18.50
C GLY B 137 -5.37 25.18 -18.65
N THR B 138 -5.07 25.89 -17.57
CA THR B 138 -4.15 27.04 -17.65
C THR B 138 -2.67 26.64 -17.73
N ALA B 139 -1.84 27.55 -18.23
CA ALA B 139 -0.39 27.41 -18.14
C ALA B 139 0.02 27.34 -16.67
N SER B 140 -0.78 27.95 -15.79
CA SER B 140 -0.52 27.89 -14.35
C SER B 140 -0.51 26.44 -13.88
N ALA B 141 -1.48 25.67 -14.39
CA ALA B 141 -1.65 24.27 -14.01
C ALA B 141 -0.52 23.42 -14.60
N ASP B 142 -0.18 23.65 -15.87
CA ASP B 142 0.97 22.98 -16.50
C ASP B 142 2.24 23.16 -15.65
N GLY B 143 2.54 24.41 -15.29
CA GLY B 143 3.70 24.71 -14.49
C GLY B 143 3.64 24.14 -13.09
N GLU B 144 2.44 24.16 -12.50
CA GLU B 144 2.25 23.62 -11.16
C GLU B 144 2.65 22.15 -11.02
N VAL B 145 2.15 21.28 -11.89
CA VAL B 145 2.47 19.86 -11.73
C VAL B 145 3.97 19.59 -11.94
N ILE B 146 4.62 20.34 -12.82
CA ILE B 146 6.05 20.13 -13.04
C ILE B 146 6.84 20.66 -11.86
N ALA B 147 6.47 21.86 -11.38
CA ALA B 147 7.11 22.47 -10.23
C ALA B 147 6.94 21.65 -8.95
N LEU B 148 5.77 21.05 -8.78
CA LEU B 148 5.53 20.15 -7.65
C LEU B 148 6.42 18.91 -7.78
N ILE B 150 9.25 18.59 -9.21
CA ILE B 150 10.62 19.01 -8.94
C ILE B 150 10.81 19.23 -7.44
N ALA B 151 9.82 19.82 -6.79
CA ALA B 151 9.95 20.09 -5.36
C ALA B 151 9.89 18.78 -4.56
N ALA B 152 9.08 17.84 -5.04
CA ALA B 152 8.96 16.54 -4.35
C ALA B 152 10.25 15.72 -4.55
N LEU B 153 10.78 15.70 -5.76
CA LEU B 153 12.03 15.01 -6.04
C LEU B 153 13.15 15.56 -5.17
N LYS B 154 13.24 16.88 -5.06
CA LYS B 154 14.20 17.54 -4.18
C LYS B 154 14.05 17.14 -2.73
N ARG B 155 12.81 17.14 -2.24
CA ARG B 155 12.58 16.82 -0.84
C ARG B 155 12.93 15.36 -0.54
N ALA B 156 12.91 14.51 -1.57
CA ALA B 156 13.29 13.12 -1.42
C ALA B 156 14.81 12.94 -1.46
N GLY B 157 15.55 13.98 -1.86
CA GLY B 157 17.00 13.91 -1.84
C GLY B 157 17.65 13.95 -3.22
N LEU B 158 16.85 13.93 -4.27
CA LEU B 158 17.39 13.94 -5.62
C LEU B 158 17.99 15.30 -5.96
N SER B 159 19.15 15.28 -6.60
CA SER B 159 19.93 16.47 -6.89
C SER B 159 20.41 16.43 -8.35
N GLU B 160 20.61 17.60 -8.95
CA GLU B 160 21.26 17.69 -10.25
C GLU B 160 20.48 17.03 -11.39
N PHE B 161 19.18 16.77 -11.17
CA PHE B 161 18.36 16.09 -12.16
C PHE B 161 17.77 17.08 -13.17
N LYS B 162 17.14 16.54 -14.21
CA LYS B 162 16.58 17.34 -15.28
C LYS B 162 15.21 16.83 -15.67
N VAL B 163 14.31 17.76 -15.95
CA VAL B 163 12.99 17.44 -16.48
C VAL B 163 12.94 17.97 -17.91
N ALA B 164 12.78 17.05 -18.85
CA ALA B 164 12.75 17.41 -20.26
C ALA B 164 11.29 17.60 -20.67
N ILE B 165 11.01 18.67 -21.40
CA ILE B 165 9.65 19.04 -21.74
C ILE B 165 9.46 19.02 -23.25
N GLY B 166 8.48 18.26 -23.71
CA GLY B 166 8.09 18.26 -25.12
C GLY B 166 6.66 18.74 -25.33
N HIS B 167 6.18 18.66 -26.56
CA HIS B 167 4.79 19.05 -26.80
C HIS B 167 4.17 18.27 -27.96
N VAL B 168 3.13 17.50 -27.64
CA VAL B 168 2.42 16.71 -28.65
C VAL B 168 1.91 17.59 -29.79
N GLY B 169 1.46 18.80 -29.45
CA GLY B 169 0.89 19.70 -30.44
C GLY B 169 1.94 20.16 -31.43
N TYR B 170 3.13 20.49 -30.92
CA TYR B 170 4.20 20.91 -31.82
C TYR B 170 4.55 19.79 -32.81
N VAL B 171 4.84 18.60 -32.29
CA VAL B 171 5.16 17.46 -33.12
C VAL B 171 4.09 17.20 -34.18
N ASN B 172 2.84 17.08 -33.74
CA ASN B 172 1.76 16.78 -34.68
C ASN B 172 1.59 17.87 -35.75
N ALA B 173 1.65 19.13 -35.37
CA ALA B 173 1.50 20.22 -36.33
C ALA B 173 2.59 20.17 -37.41
N LEU B 174 3.82 19.96 -36.99
CA LEU B 174 4.94 19.90 -37.92
C LEU B 174 4.85 18.71 -38.85
N LEU B 175 4.67 17.52 -38.28
CA LEU B 175 4.55 16.30 -39.08
C LEU B 175 3.44 16.43 -40.12
N ASP B 177 1.84 19.14 -41.28
CA ASP B 177 2.01 20.21 -42.26
C ASP B 177 2.95 19.77 -43.37
N VAL B 178 3.82 18.81 -43.08
CA VAL B 178 4.78 18.35 -44.07
C VAL B 178 4.32 17.13 -44.88
N VAL B 179 3.75 16.14 -44.21
CA VAL B 179 3.37 14.91 -44.91
C VAL B 179 1.88 14.85 -45.26
N GLY B 180 1.08 15.72 -44.64
CA GLY B 180 -0.31 15.91 -44.99
C GLY B 180 -1.24 14.71 -44.87
N ASN B 181 -0.71 13.59 -44.37
CA ASN B 181 -1.47 12.36 -44.25
C ASN B 181 -1.31 11.73 -42.88
N GLU B 182 -2.42 11.46 -42.21
CA GLU B 182 -2.40 10.88 -40.87
C GLU B 182 -1.53 9.64 -40.79
N GLN B 183 -1.55 8.83 -41.86
CA GLN B 183 -0.81 7.59 -41.89
C GLN B 183 0.69 7.85 -42.05
N ARG B 184 1.02 8.80 -42.91
CA ARG B 184 2.41 9.20 -43.11
C ARG B 184 2.97 9.81 -41.82
N ALA B 185 2.15 10.59 -41.14
CA ALA B 185 2.55 11.24 -39.91
C ALA B 185 2.79 10.20 -38.82
N ASP B 186 1.88 9.24 -38.69
CA ASP B 186 2.04 8.14 -37.74
C ASP B 186 3.40 7.45 -37.88
N ARG B 187 3.76 7.14 -39.13
CA ARG B 187 4.99 6.42 -39.42
C ARG B 187 6.22 7.17 -38.88
N LEU B 188 6.19 8.48 -39.03
CA LEU B 188 7.24 9.34 -38.48
C LEU B 188 7.20 9.38 -36.95
N ARG B 189 6.00 9.56 -36.38
CA ARG B 189 5.83 9.63 -34.93
C ARG B 189 6.33 8.37 -34.22
N ARG B 190 6.15 7.23 -34.89
CA ARG B 190 6.58 5.94 -34.37
C ARG B 190 8.10 5.91 -34.17
N PHE B 191 8.84 6.44 -35.15
CA PHE B 191 10.30 6.54 -35.00
C PHE B 191 10.68 7.35 -33.76
N LEU B 192 9.99 8.47 -33.54
CA LEU B 192 10.25 9.32 -32.39
C LEU B 192 9.89 8.61 -31.09
N TYR B 193 8.72 7.97 -31.10
CA TYR B 193 8.25 7.24 -29.94
C TYR B 193 9.27 6.20 -29.50
N GLU B 194 9.89 5.53 -30.47
CA GLU B 194 10.87 4.51 -30.16
C GLU B 194 12.28 5.09 -30.10
N LYS B 195 12.36 6.40 -30.21
CA LYS B 195 13.63 7.13 -30.13
C LYS B 195 14.66 6.61 -31.13
N ASN B 196 14.16 6.20 -32.29
CA ASN B 196 14.99 5.71 -33.37
C ASN B 196 15.29 6.81 -34.40
N TYR B 197 16.24 7.69 -34.08
CA TYR B 197 16.59 8.80 -34.98
C TYR B 197 17.22 8.27 -36.26
N VAL B 198 17.99 7.19 -36.14
CA VAL B 198 18.64 6.59 -37.29
C VAL B 198 17.58 6.18 -38.32
N GLY B 199 16.58 5.43 -37.87
CA GLY B 199 15.49 5.02 -38.72
C GLY B 199 14.70 6.20 -39.24
N TYR B 200 14.53 7.19 -38.37
CA TYR B 200 13.80 8.41 -38.68
C TYR B 200 14.46 9.18 -39.82
N ARG B 201 15.78 9.38 -39.73
CA ARG B 201 16.51 10.07 -40.79
C ARG B 201 16.43 9.29 -42.10
N GLU B 202 16.59 7.98 -42.02
CA GLU B 202 16.54 7.12 -43.20
C GLU B 202 15.18 7.21 -43.87
N HIS B 203 14.12 7.21 -43.05
CA HIS B 203 12.76 7.24 -43.56
C HIS B 203 12.43 8.56 -44.24
N VAL B 204 12.92 9.66 -43.67
CA VAL B 204 12.66 10.98 -44.21
C VAL B 204 13.28 11.13 -45.59
N LYS B 205 14.49 10.60 -45.75
CA LYS B 205 15.18 10.68 -47.03
C LYS B 205 14.54 9.77 -48.08
N SER B 206 13.80 8.76 -47.63
CA SER B 206 13.10 7.87 -48.55
C SER B 206 11.81 8.50 -49.07
N LEU B 207 11.23 9.38 -48.26
CA LEU B 207 9.94 9.99 -48.62
C LEU B 207 10.02 10.83 -49.87
N ASN B 208 8.88 10.96 -50.54
CA ASN B 208 8.79 11.82 -51.72
C ASN B 208 8.52 13.25 -51.28
N LEU B 209 9.57 13.92 -50.80
CA LEU B 209 9.43 15.27 -50.28
C LEU B 209 10.43 16.24 -50.92
N SER B 210 10.09 17.52 -50.89
CA SER B 210 10.97 18.58 -51.36
C SER B 210 12.21 18.70 -50.48
N THR B 211 13.09 19.62 -50.85
CA THR B 211 14.36 19.78 -50.15
C THR B 211 14.21 20.57 -48.84
N ILE B 212 13.32 21.56 -48.86
CA ILE B 212 13.06 22.36 -47.67
C ILE B 212 12.25 21.56 -46.65
N ASP B 213 11.39 20.68 -47.14
CA ASP B 213 10.53 19.88 -46.27
C ASP B 213 11.29 18.76 -45.56
N LYS B 214 12.21 18.12 -46.27
CA LYS B 214 13.06 17.10 -45.64
C LYS B 214 13.88 17.75 -44.53
N SER B 215 14.32 18.98 -44.77
CA SER B 215 15.13 19.72 -43.80
C SER B 215 14.32 20.07 -42.55
N ARG B 216 13.05 20.43 -42.74
CA ARG B 216 12.19 20.73 -41.62
C ARG B 216 12.07 19.49 -40.73
N LEU B 217 11.61 18.39 -41.31
CA LEU B 217 11.47 17.14 -40.55
C LEU B 217 12.78 16.78 -39.87
N ASN B 219 15.33 18.83 -38.99
CA ASN B 219 15.72 19.78 -37.95
C ASN B 219 14.96 19.61 -36.63
N LEU B 220 13.82 18.92 -36.69
CA LEU B 220 13.06 18.59 -35.48
C LEU B 220 13.97 17.90 -34.48
N LEU B 221 14.76 16.94 -34.96
CA LEU B 221 15.66 16.15 -34.13
C LEU B 221 16.68 16.99 -33.37
N SER B 222 16.94 18.20 -33.87
CA SER B 222 17.92 19.07 -33.24
C SER B 222 17.32 19.93 -32.12
N LEU B 223 15.99 19.92 -32.00
CA LEU B 223 15.31 20.80 -31.04
C LEU B 223 15.39 20.22 -29.63
N ARG B 224 16.60 20.19 -29.09
CA ARG B 224 16.87 19.59 -27.79
C ARG B 224 17.92 20.41 -27.10
N GLY B 225 17.52 21.13 -26.05
CA GLY B 225 18.44 21.97 -25.30
C GLY B 225 17.75 22.86 -24.28
N GLY B 226 18.23 24.10 -24.19
CA GLY B 226 17.71 25.05 -23.23
C GLY B 226 16.56 25.86 -23.80
N ARG B 227 16.18 26.91 -23.10
CA ARG B 227 15.09 27.79 -23.52
C ARG B 227 15.26 28.25 -24.98
N ALA B 228 16.51 28.21 -25.46
CA ALA B 228 16.81 28.63 -26.83
C ALA B 228 16.15 27.73 -27.86
N ALA B 229 16.00 26.45 -27.51
CA ALA B 229 15.46 25.46 -28.44
C ALA B 229 14.09 25.83 -28.97
N ILE B 230 13.31 26.53 -28.15
CA ILE B 230 11.96 26.92 -28.54
C ILE B 230 12.01 27.97 -29.64
N GLU B 231 13.07 28.77 -29.63
CA GLU B 231 13.24 29.79 -30.66
C GLU B 231 13.54 29.15 -32.02
N GLU B 232 14.50 28.23 -32.03
CA GLU B 232 14.82 27.47 -33.25
C GLU B 232 13.60 26.67 -33.73
N ALA B 233 12.70 26.33 -32.80
CA ALA B 233 11.53 25.55 -33.16
C ALA B 233 10.56 26.40 -34.00
N ARG B 234 10.56 27.71 -33.75
CA ARG B 234 9.65 28.61 -34.45
C ARG B 234 9.84 28.60 -35.97
N GLY B 235 11.07 28.37 -36.42
CA GLY B 235 11.38 28.41 -37.83
C GLY B 235 10.90 27.23 -38.64
N LEU B 236 10.52 26.14 -37.95
CA LEU B 236 10.17 24.89 -38.63
C LEU B 236 8.70 24.78 -38.99
N ILE B 237 7.87 25.61 -38.38
CA ILE B 237 6.42 25.52 -38.54
C ILE B 237 5.77 26.83 -38.12
N GLN B 238 4.86 27.33 -38.96
CA GLN B 238 4.22 28.61 -38.69
C GLN B 238 2.69 28.52 -38.77
N THR B 239 2.16 27.31 -38.77
CA THR B 239 0.71 27.13 -38.73
C THR B 239 0.18 27.65 -37.39
N GLU B 240 -1.12 27.88 -37.31
CA GLU B 240 -1.71 28.31 -36.05
C GLU B 240 -1.46 27.28 -34.95
N LYS B 241 -1.77 26.02 -35.23
CA LYS B 241 -1.55 24.95 -34.25
C LYS B 241 -0.10 24.87 -33.76
N GLY B 242 0.84 25.08 -34.67
CA GLY B 242 2.25 25.08 -34.32
C GLY B 242 2.64 26.29 -33.48
N LYS B 243 2.12 27.45 -33.86
CA LYS B 243 2.41 28.68 -33.10
C LYS B 243 1.81 28.62 -31.70
N THR B 244 0.61 28.06 -31.60
CA THR B 244 -0.06 27.85 -30.32
C THR B 244 0.75 26.95 -29.37
N ALA B 245 1.18 25.80 -29.87
CA ALA B 245 1.98 24.88 -29.06
C ALA B 245 3.26 25.55 -28.57
N LEU B 246 3.94 26.27 -29.45
CA LEU B 246 5.14 26.99 -29.06
C LEU B 246 4.82 28.03 -27.98
N ALA B 247 3.65 28.67 -28.09
CA ALA B 247 3.27 29.70 -27.13
C ALA B 247 3.03 29.11 -25.74
N GLU B 248 2.48 27.89 -25.71
CA GLU B 248 2.24 27.21 -24.45
C GLU B 248 3.56 26.84 -23.79
N THR B 250 6.40 28.49 -24.18
CA THR B 250 7.05 29.71 -23.72
C THR B 250 6.40 30.23 -22.43
N LYS B 251 5.08 30.26 -22.38
CA LYS B 251 4.43 30.63 -21.13
C LYS B 251 4.71 29.63 -20.01
N LEU B 252 4.79 28.35 -20.35
CA LEU B 252 5.14 27.32 -19.37
C LEU B 252 6.50 27.61 -18.74
N TYR B 253 7.48 27.95 -19.58
CA TYR B 253 8.82 28.25 -19.08
C TYR B 253 8.78 29.45 -18.14
N GLU B 254 7.98 30.46 -18.50
CA GLU B 254 7.83 31.64 -17.67
C GLU B 254 7.28 31.30 -16.29
N VAL B 255 6.24 30.46 -16.27
CA VAL B 255 5.66 29.98 -15.02
C VAL B 255 6.68 29.25 -14.17
N LEU B 256 7.47 28.39 -14.80
CA LEU B 256 8.50 27.64 -14.05
C LEU B 256 9.56 28.57 -13.45
N GLU B 257 9.87 29.63 -14.20
CA GLU B 257 10.79 30.66 -13.70
C GLU B 257 10.25 31.26 -12.41
N SER B 258 8.97 31.61 -12.43
CA SER B 258 8.34 32.16 -11.24
C SER B 258 8.46 31.19 -10.07
N TYR B 259 8.32 29.90 -10.36
CA TYR B 259 8.52 28.89 -9.32
C TYR B 259 9.99 28.69 -8.95
N GLY B 260 10.90 29.36 -9.65
CA GLY B 260 12.31 29.15 -9.42
C GLY B 260 12.73 27.72 -9.71
N ALA B 261 12.06 27.10 -10.68
CA ALA B 261 12.33 25.70 -11.04
C ALA B 261 13.07 25.62 -12.36
N SER B 262 13.43 26.78 -12.90
CA SER B 262 13.98 26.90 -14.25
C SER B 262 15.26 26.10 -14.45
N GLU B 263 16.13 26.10 -13.45
CA GLU B 263 17.43 25.45 -13.55
C GLU B 263 17.27 23.96 -13.86
N TYR B 264 16.12 23.41 -13.50
CA TYR B 264 15.86 21.97 -13.60
C TYR B 264 15.27 21.53 -14.93
N VAL B 265 14.84 22.48 -15.75
CA VAL B 265 14.10 22.12 -16.95
C VAL B 265 14.94 22.27 -18.21
N LYS B 266 14.68 21.41 -19.18
CA LYS B 266 15.22 21.58 -20.51
C LYS B 266 14.15 21.15 -21.51
N PHE B 267 14.39 21.39 -22.79
CA PHE B 267 13.38 21.09 -23.79
C PHE B 267 13.83 19.97 -24.71
N ASP B 268 12.90 19.05 -25.00
CA ASP B 268 13.15 17.99 -25.95
C ASP B 268 11.93 17.79 -26.83
N LEU B 269 11.87 18.56 -27.91
CA LEU B 269 10.69 18.55 -28.76
C LEU B 269 10.60 17.28 -29.58
N THR B 270 11.54 16.35 -29.41
CA THR B 270 11.40 15.05 -30.07
C THR B 270 10.58 14.09 -29.20
N LEU B 271 10.24 14.55 -28.00
CA LEU B 271 9.64 13.66 -27.00
C LEU B 271 8.22 13.24 -27.40
N VAL B 272 8.03 11.94 -27.58
CA VAL B 272 6.71 11.36 -27.81
C VAL B 272 6.50 10.25 -26.78
N LEU B 273 5.61 10.48 -25.83
CA LEU B 273 5.47 9.52 -24.71
C LEU B 273 4.49 8.40 -25.05
N HIS B 274 3.71 8.60 -26.11
CA HIS B 274 2.61 7.70 -26.42
C HIS B 274 2.12 8.07 -27.82
N SER B 276 -0.97 8.26 -28.87
CA SER B 276 -2.25 8.99 -28.92
C SER B 276 -2.73 9.60 -27.58
N TYR B 277 -2.31 9.01 -26.49
CA TYR B 277 -2.90 9.30 -25.18
C TYR B 277 -2.70 10.74 -24.71
N TYR B 278 -1.49 11.25 -24.81
CA TYR B 278 -1.21 12.64 -24.41
C TYR B 278 -1.58 13.60 -25.53
N THR B 279 -2.09 14.77 -25.14
CA THR B 279 -2.64 15.73 -26.09
C THR B 279 -1.83 17.02 -26.21
N GLY B 280 -0.89 17.22 -25.31
CA GLY B 280 -0.19 18.50 -25.28
C GLY B 280 1.18 18.45 -24.66
N VAL B 281 1.42 19.32 -23.68
CA VAL B 281 2.66 19.33 -22.92
C VAL B 281 2.94 17.93 -22.37
N VAL B 282 4.16 17.45 -22.59
CA VAL B 282 4.63 16.18 -22.02
C VAL B 282 6.01 16.40 -21.42
N PHE B 283 6.34 15.60 -20.41
CA PHE B 283 7.64 15.73 -19.75
C PHE B 283 8.09 14.42 -19.13
N GLU B 284 9.39 14.32 -18.90
CA GLU B 284 9.95 13.18 -18.17
C GLU B 284 11.18 13.61 -17.41
N GLY B 285 11.41 12.97 -16.26
CA GLY B 285 12.50 13.35 -15.39
C GLY B 285 13.58 12.29 -15.38
N TYR B 286 14.82 12.74 -15.33
CA TYR B 286 16.01 11.88 -15.30
C TYR B 286 16.90 12.29 -14.14
N GLY B 287 17.46 11.33 -13.43
CA GLY B 287 18.51 11.64 -12.48
C GLY B 287 19.77 12.10 -13.21
N ASN B 288 20.78 12.57 -12.46
CA ASN B 288 22.01 13.06 -13.07
C ASN B 288 22.86 11.99 -13.74
N ARG B 289 22.52 10.73 -13.55
CA ARG B 289 23.25 9.63 -14.17
C ARG B 289 22.50 9.06 -15.39
N LEU B 290 21.47 9.78 -15.81
CA LEU B 290 20.59 9.38 -16.91
C LEU B 290 19.99 7.99 -16.72
N GLY B 291 20.09 7.13 -17.74
CA GLY B 291 19.44 5.84 -17.69
C GLY B 291 17.95 6.00 -17.97
N VAL B 292 17.13 5.09 -17.47
CA VAL B 292 15.70 5.18 -17.72
C VAL B 292 15.08 6.35 -16.95
N PRO B 293 14.12 7.05 -17.57
CA PRO B 293 13.42 8.13 -16.85
C PRO B 293 12.85 7.61 -15.52
N LEU B 294 12.95 8.42 -14.48
CA LEU B 294 12.40 8.09 -13.16
C LEU B 294 10.91 8.46 -13.07
N CYS B 295 10.51 9.44 -13.86
CA CYS B 295 9.14 9.97 -13.79
C CYS B 295 8.73 10.61 -15.10
N SER B 296 7.43 10.86 -15.23
CA SER B 296 6.89 11.42 -16.45
C SER B 296 5.49 11.92 -16.23
N GLY B 297 5.01 12.78 -17.12
CA GLY B 297 3.65 13.29 -17.01
C GLY B 297 3.26 14.12 -18.21
N GLY B 298 2.12 14.79 -18.10
CA GLY B 298 1.68 15.66 -19.16
C GLY B 298 0.18 15.69 -19.30
N ARG B 299 -0.30 16.48 -20.26
CA ARG B 299 -1.73 16.67 -20.53
C ARG B 299 -2.37 15.48 -21.21
N TYR B 300 -3.53 15.09 -20.70
CA TYR B 300 -4.32 14.03 -21.33
C TYR B 300 -5.80 14.46 -21.39
N ASP B 301 -6.08 15.44 -22.25
CA ASP B 301 -7.33 16.20 -22.20
C ASP B 301 -8.58 15.48 -22.71
N GLU B 302 -8.43 14.26 -23.22
CA GLU B 302 -9.59 13.53 -23.76
C GLU B 302 -10.01 12.33 -22.90
N LEU B 303 -9.27 12.03 -21.84
CA LEU B 303 -9.64 10.87 -21.02
C LEU B 303 -10.94 11.05 -20.26
N LEU B 304 -11.10 12.17 -19.56
CA LEU B 304 -12.29 12.35 -18.72
C LEU B 304 -13.59 12.28 -19.51
N SER B 305 -13.52 12.65 -20.79
CA SER B 305 -14.67 12.55 -21.68
C SER B 305 -15.14 11.12 -21.82
N LYS B 306 -14.20 10.17 -21.83
CA LYS B 306 -14.55 8.76 -21.93
C LYS B 306 -15.31 8.25 -20.70
N PHE B 307 -15.25 8.99 -19.61
CA PHE B 307 -16.04 8.66 -18.41
C PHE B 307 -17.24 9.59 -18.26
N HIS B 308 -17.47 10.41 -19.30
CA HIS B 308 -18.65 11.28 -19.40
C HIS B 308 -18.62 12.47 -18.46
N ARG B 309 -17.43 12.88 -18.05
CA ARG B 309 -17.27 14.15 -17.34
C ARG B 309 -16.10 14.93 -17.95
N PRO B 310 -16.26 15.37 -19.21
CA PRO B 310 -15.14 15.97 -19.96
C PRO B 310 -14.42 17.00 -19.13
N ALA B 311 -13.09 16.96 -19.17
CA ALA B 311 -12.28 18.00 -18.55
C ALA B 311 -10.88 17.91 -19.10
N GLN B 312 -10.17 19.04 -19.09
CA GLN B 312 -8.74 19.04 -19.33
C GLN B 312 -8.10 18.44 -18.09
N ALA B 313 -6.93 17.83 -18.25
CA ALA B 313 -6.28 17.17 -17.13
C ALA B 313 -4.79 17.02 -17.37
N THR B 314 -4.00 17.15 -16.32
CA THR B 314 -2.59 16.85 -16.40
C THR B 314 -2.15 16.21 -15.10
N GLY B 315 -0.86 15.87 -15.00
CA GLY B 315 -0.34 15.27 -13.79
C GLY B 315 0.99 14.60 -14.04
N PHE B 316 1.48 13.84 -13.06
CA PHE B 316 2.72 13.10 -13.22
C PHE B 316 2.70 11.82 -12.40
N GLY B 317 3.59 10.90 -12.78
CA GLY B 317 3.81 9.68 -12.03
C GLY B 317 5.30 9.48 -11.82
N VAL B 318 5.66 8.92 -10.67
CA VAL B 318 7.04 8.62 -10.32
C VAL B 318 7.20 7.13 -10.07
N ARG B 319 8.16 6.49 -10.72
CA ARG B 319 8.51 5.09 -10.46
C ARG B 319 9.40 4.99 -9.25
N ILE B 320 8.84 4.50 -8.13
CA ILE B 320 9.52 4.55 -6.85
C ILE B 320 10.79 3.71 -6.83
N ASP B 321 10.72 2.51 -7.38
CA ASP B 321 11.89 1.64 -7.37
C ASP B 321 13.04 2.24 -8.16
N LEU B 322 12.73 2.89 -9.28
CA LEU B 322 13.76 3.55 -10.07
C LEU B 322 14.33 4.72 -9.30
N LEU B 323 13.48 5.42 -8.55
CA LEU B 323 13.95 6.57 -7.78
C LEU B 323 14.87 6.13 -6.64
N VAL B 324 14.50 5.07 -5.94
CA VAL B 324 15.35 4.54 -4.87
C VAL B 324 16.74 4.15 -5.41
N GLU B 325 16.77 3.42 -6.52
CA GLU B 325 18.03 3.13 -7.21
C GLU B 325 18.86 4.39 -7.46
N ALA B 326 18.21 5.41 -8.02
CA ALA B 326 18.88 6.65 -8.42
C ALA B 326 19.50 7.41 -7.25
N LEU B 327 18.97 7.18 -6.05
CA LEU B 327 19.37 7.94 -4.86
C LEU B 327 20.50 7.29 -4.04
N ASN B 328 20.79 6.01 -4.25
CA ASN B 328 21.77 5.32 -3.42
C ASN B 328 22.32 4.04 -4.01
N ASN B 334 22.05 -2.82 5.80
CA ASN B 334 21.13 -3.12 6.89
C ASN B 334 21.48 -2.34 8.16
N GLY B 335 21.21 -2.94 9.30
CA GLY B 335 21.50 -2.32 10.59
C GLY B 335 20.29 -2.27 11.49
N HIS B 336 20.44 -2.78 12.71
CA HIS B 336 19.35 -2.76 13.68
C HIS B 336 19.55 -1.61 14.66
N GLU B 337 18.99 -0.45 14.31
CA GLU B 337 19.03 0.73 15.16
C GLU B 337 18.51 0.41 16.55
N GLN B 338 17.58 -0.53 16.61
CA GLN B 338 16.86 -0.87 17.82
C GLN B 338 17.77 -1.20 19.02
N THR B 339 17.25 -0.94 20.22
CA THR B 339 17.85 -1.41 21.46
C THR B 339 17.18 -2.74 21.86
N CYS B 340 17.93 -3.62 22.51
CA CYS B 340 17.40 -4.91 22.93
C CYS B 340 17.61 -5.14 24.43
N ILE B 341 16.51 -5.36 25.15
CA ILE B 341 16.58 -5.70 26.56
C ILE B 341 16.32 -7.20 26.69
N LEU B 342 17.33 -7.93 27.17
CA LEU B 342 17.18 -9.36 27.39
C LEU B 342 16.82 -9.59 28.84
N PHE B 343 15.75 -10.31 29.10
CA PHE B 343 15.36 -10.52 30.49
C PHE B 343 15.16 -11.98 30.85
N SER B 344 15.23 -12.27 32.14
CA SER B 344 14.79 -13.56 32.65
C SER B 344 13.55 -13.36 33.52
N ASN B 345 12.98 -14.46 33.98
CA ASN B 345 11.69 -14.46 34.63
C ASN B 345 11.60 -13.46 35.78
N GLU B 346 12.59 -13.51 36.67
CA GLU B 346 12.55 -12.76 37.92
C GLU B 346 12.61 -11.25 37.73
N ARG B 347 13.20 -10.79 36.63
CA ARG B 347 13.27 -9.35 36.38
C ARG B 347 12.38 -8.90 35.21
N ARG B 348 11.36 -9.68 34.90
CA ARG B 348 10.44 -9.35 33.80
C ARG B 348 9.71 -8.03 34.02
N PHE B 349 9.24 -7.79 35.24
CA PHE B 349 8.52 -6.56 35.49
C PHE B 349 9.45 -5.38 35.28
N GLU B 350 10.66 -5.50 35.82
CA GLU B 350 11.67 -4.46 35.66
C GLU B 350 11.95 -4.15 34.20
N ALA B 351 12.16 -5.19 33.40
CA ALA B 351 12.47 -4.99 31.98
C ALA B 351 11.30 -4.39 31.20
N ILE B 352 10.10 -4.87 31.46
CA ILE B 352 8.91 -4.30 30.82
C ILE B 352 8.83 -2.81 31.11
N GLU B 353 8.99 -2.43 32.38
CA GLU B 353 8.91 -1.02 32.74
C GLU B 353 10.06 -0.25 32.10
N LEU B 354 11.24 -0.84 32.07
CA LEU B 354 12.36 -0.21 31.40
C LEU B 354 12.01 0.05 29.92
N ALA B 355 11.51 -0.97 29.24
CA ALA B 355 11.14 -0.83 27.83
C ALA B 355 10.00 0.19 27.70
N ARG B 356 8.99 0.06 28.56
CA ARG B 356 7.86 0.99 28.58
C ARG B 356 8.38 2.42 28.60
N LYS B 357 9.40 2.66 29.42
CA LYS B 357 9.93 4.00 29.57
C LYS B 357 10.66 4.50 28.32
N LYS B 358 11.52 3.66 27.75
CA LYS B 358 12.28 4.06 26.56
C LYS B 358 11.38 4.32 25.36
N ARG B 359 10.39 3.46 25.16
CA ARG B 359 9.46 3.59 24.04
C ARG B 359 8.71 4.93 24.11
N ALA B 360 8.54 5.46 25.32
CA ALA B 360 7.90 6.75 25.52
C ALA B 360 8.74 7.89 24.95
N ASN B 361 10.02 7.64 24.76
CA ASN B 361 10.92 8.66 24.21
C ASN B 361 11.38 8.36 22.81
N GLY B 362 10.58 7.58 22.09
CA GLY B 362 10.79 7.36 20.67
C GLY B 362 11.91 6.37 20.43
N GLU B 363 12.35 5.72 21.49
CA GLU B 363 13.37 4.67 21.41
C GLU B 363 12.73 3.34 21.06
N ALA B 364 13.13 2.77 19.93
CA ALA B 364 12.64 1.46 19.55
C ALA B 364 13.36 0.41 20.40
N VAL B 365 12.58 -0.48 21.01
CA VAL B 365 13.13 -1.49 21.92
C VAL B 365 12.58 -2.88 21.63
N VAL B 366 13.48 -3.85 21.47
CA VAL B 366 13.09 -5.24 21.44
C VAL B 366 13.21 -5.78 22.87
N LEU B 367 12.10 -6.21 23.45
CA LEU B 367 12.07 -6.76 24.80
C LEU B 367 12.01 -8.27 24.65
N GLN B 368 13.11 -8.94 25.04
CA GLN B 368 13.30 -10.34 24.68
C GLN B 368 13.60 -11.24 25.89
N ASP B 369 12.71 -12.19 26.11
CA ASP B 369 12.91 -13.27 27.07
C ASP B 369 14.06 -14.12 26.63
N LEU B 370 15.06 -14.24 27.49
CA LEU B 370 16.28 -14.94 27.12
C LEU B 370 15.97 -16.41 26.82
N ALA B 371 14.98 -16.97 27.50
CA ALA B 371 14.58 -18.34 27.23
C ALA B 371 14.09 -18.53 25.78
N GLY B 372 13.81 -17.45 25.08
CA GLY B 372 13.31 -17.54 23.70
C GLY B 372 14.35 -17.35 22.62
N VAL B 373 15.60 -17.13 23.01
CA VAL B 373 16.65 -16.86 22.04
C VAL B 373 17.54 -18.09 21.88
N THR B 374 17.69 -18.58 20.67
CA THR B 374 18.59 -19.73 20.47
C THR B 374 20.08 -19.34 20.52
N ASP B 375 20.42 -18.17 19.99
CA ASP B 375 21.83 -17.70 19.96
C ASP B 375 21.99 -16.28 20.48
N VAL B 376 22.14 -16.12 21.79
CA VAL B 376 22.16 -14.80 22.41
C VAL B 376 23.36 -13.93 21.99
N ASP B 377 24.51 -14.57 21.73
CA ASP B 377 25.69 -13.85 21.25
C ASP B 377 25.42 -13.19 19.90
N ALA B 378 24.77 -13.94 18.99
CA ALA B 378 24.48 -13.40 17.68
C ALA B 378 23.46 -12.29 17.82
N SER B 380 22.64 -10.40 20.49
CA SER B 380 23.17 -9.26 21.22
C SER B 380 24.21 -8.53 20.39
N SER B 381 24.84 -9.23 19.46
CA SER B 381 25.81 -8.64 18.55
C SER B 381 25.13 -7.75 17.52
N ASN B 382 23.92 -8.12 17.13
CA ASN B 382 23.26 -7.48 15.99
C ASN B 382 22.32 -6.33 16.36
N TYR B 383 22.27 -5.96 17.63
CA TYR B 383 21.53 -4.78 18.04
C TYR B 383 22.50 -3.71 18.52
N GLN B 384 22.21 -2.47 18.17
CA GLN B 384 23.08 -1.33 18.50
C GLN B 384 23.46 -1.34 19.98
N ASP B 385 22.47 -1.54 20.83
CA ASP B 385 22.70 -1.55 22.27
C ASP B 385 21.95 -2.71 22.90
N VAL B 386 22.50 -3.27 23.97
CA VAL B 386 21.93 -4.43 24.64
C VAL B 386 21.95 -4.23 26.15
N ILE B 387 20.79 -4.38 26.78
CA ILE B 387 20.68 -4.28 28.23
C ILE B 387 20.29 -5.66 28.78
N TYR B 388 20.97 -6.09 29.84
CA TYR B 388 20.65 -7.37 30.48
C TYR B 388 19.89 -7.16 31.79
N CYS B 389 18.66 -7.65 31.88
CA CYS B 389 17.95 -7.70 33.14
C CYS B 389 17.83 -9.16 33.52
N ILE B 390 18.97 -9.74 33.85
CA ILE B 390 19.07 -11.16 34.17
C ILE B 390 19.50 -11.28 35.62
N GLY B 391 18.90 -12.23 36.34
CA GLY B 391 19.23 -12.42 37.73
C GLY B 391 18.05 -12.12 38.62
#